data_6MNU
#
_entry.id   6MNU
#
_cell.length_a   92.190
_cell.length_b   99.415
_cell.length_c   128.656
_cell.angle_alpha   90.00
_cell.angle_beta   90.00
_cell.angle_gamma   90.00
#
_symmetry.space_group_name_H-M   'P 21 21 21'
#
loop_
_entity.id
_entity.type
_entity.pdbx_description
1 polymer 'UTP--glucose-1-phosphate uridylyltransferase'
2 non-polymer 1,2-ETHANEDIOL
3 water water
#
_entity_poly.entity_id   1
_entity_poly.type   'polypeptide(L)'
_entity_poly.pdbx_seq_one_letter_code
;MKCLKAVIPVAGLGTRMLPATKAIPKEMLPVVDKPLIQYIVDECVAAGVKEIVLVSHSSKNAIENHFDTSFELEAALESR
VKRQLLKEIKNICPADVTIMQVRQGHAKGLGHAVLCAKSMVGDNPFIVMLPDVLLDDSTADLSKENLASMIKRFEETGHS
QIMVEPVPKADVSKYGIADCGHVALAPGESTLMTAVVEKPSIAEAPSNLAVVGRYVLSKNIWPLLEKTPRGAGDEIQLTD
AIAMLMQQEPVEAFHMTGKSHDCGDKLGYMKAFVTYGVRHHTEGEKFTAWLKQQLD
;
_entity_poly.pdbx_strand_id   A,B,C,D
#
loop_
_chem_comp.id
_chem_comp.type
_chem_comp.name
_chem_comp.formula
EDO non-polymer 1,2-ETHANEDIOL 'C2 H6 O2'
#
# COMPACT_ATOMS: atom_id res chain seq x y z
N CYS A 3 3.08 -33.86 -6.00
CA CYS A 3 2.45 -33.03 -4.97
C CYS A 3 1.78 -31.78 -5.57
N LEU A 4 0.45 -31.72 -5.49
CA LEU A 4 -0.34 -30.73 -6.23
C LEU A 4 -0.35 -29.36 -5.56
N LYS A 5 -0.10 -28.31 -6.35
CA LYS A 5 -0.27 -26.93 -5.92
C LYS A 5 -1.69 -26.46 -6.27
N ALA A 6 -2.22 -25.57 -5.43
CA ALA A 6 -3.55 -24.99 -5.67
C ALA A 6 -3.41 -23.59 -6.25
N VAL A 7 -3.93 -23.41 -7.45
CA VAL A 7 -3.90 -22.12 -8.12
C VAL A 7 -5.21 -21.41 -7.82
N ILE A 8 -5.12 -20.20 -7.29
CA ILE A 8 -6.32 -19.44 -6.93
C ILE A 8 -6.29 -18.08 -7.64
N PRO A 9 -7.14 -17.85 -8.63
CA PRO A 9 -7.19 -16.52 -9.27
C PRO A 9 -7.82 -15.51 -8.32
N VAL A 10 -7.08 -14.44 -8.01
CA VAL A 10 -7.59 -13.43 -7.09
C VAL A 10 -7.38 -12.02 -7.64
N ALA A 11 -7.39 -11.84 -8.95
CA ALA A 11 -7.13 -10.51 -9.51
C ALA A 11 -8.38 -9.66 -9.78
N GLY A 12 -9.58 -10.24 -9.82
CA GLY A 12 -10.75 -9.47 -10.24
C GLY A 12 -11.04 -8.32 -9.30
N LEU A 13 -11.61 -7.24 -9.86
CA LEU A 13 -11.92 -6.04 -9.12
C LEU A 13 -13.27 -6.09 -8.40
N GLY A 14 -13.98 -7.22 -8.47
CA GLY A 14 -15.18 -7.45 -7.68
C GLY A 14 -16.33 -6.48 -7.84
N THR A 15 -16.73 -6.18 -9.10
CA THR A 15 -17.72 -5.13 -9.33
C THR A 15 -19.13 -5.49 -8.89
N ARG A 16 -19.48 -6.77 -8.75
CA ARG A 16 -20.80 -7.09 -8.22
C ARG A 16 -20.96 -6.76 -6.74
N MET A 17 -19.86 -6.54 -6.02
CA MET A 17 -19.95 -6.29 -4.59
C MET A 17 -19.68 -4.85 -4.22
N LEU A 18 -19.75 -3.94 -5.18
CA LEU A 18 -19.51 -2.54 -4.91
C LEU A 18 -20.66 -1.94 -4.09
N PRO A 19 -20.39 -0.88 -3.31
CA PRO A 19 -19.12 -0.18 -3.10
C PRO A 19 -18.18 -0.82 -2.06
N ALA A 20 -18.59 -1.91 -1.41
CA ALA A 20 -17.76 -2.55 -0.38
C ALA A 20 -16.36 -2.86 -0.90
N THR A 21 -16.26 -3.34 -2.13
CA THR A 21 -14.99 -3.73 -2.71
C THR A 21 -14.27 -2.58 -3.44
N LYS A 22 -14.73 -1.34 -3.27
CA LYS A 22 -14.06 -0.25 -3.98
C LYS A 22 -12.59 -0.18 -3.62
N ALA A 23 -12.26 -0.38 -2.33
CA ALA A 23 -10.89 -0.18 -1.84
C ALA A 23 -10.40 -1.33 -0.98
N ILE A 24 -11.13 -2.42 -0.94
CA ILE A 24 -10.63 -3.63 -0.31
C ILE A 24 -10.94 -4.78 -1.27
N PRO A 25 -10.16 -5.85 -1.24
CA PRO A 25 -10.39 -6.96 -2.17
C PRO A 25 -11.69 -7.69 -1.87
N LYS A 26 -12.35 -8.17 -2.93
CA LYS A 26 -13.50 -9.04 -2.74
C LYS A 26 -13.11 -10.28 -1.94
N GLU A 27 -11.88 -10.76 -2.09
CA GLU A 27 -11.39 -11.93 -1.38
C GLU A 27 -11.32 -11.70 0.12
N MET A 28 -11.37 -10.44 0.56
CA MET A 28 -11.27 -10.08 1.97
C MET A 28 -12.61 -9.70 2.59
N LEU A 29 -13.72 -9.82 1.86
CA LEU A 29 -15.03 -9.61 2.49
C LEU A 29 -15.24 -10.62 3.61
N PRO A 30 -15.68 -10.19 4.79
CA PRO A 30 -15.79 -11.12 5.92
C PRO A 30 -17.11 -11.87 5.90
N VAL A 31 -17.01 -13.19 5.96
CA VAL A 31 -18.14 -14.03 6.31
C VAL A 31 -18.09 -14.17 7.83
N VAL A 32 -18.90 -13.34 8.49
CA VAL A 32 -18.90 -13.12 9.94
C VAL A 32 -17.60 -12.39 10.28
N ASP A 33 -16.53 -13.14 10.60
CA ASP A 33 -15.29 -12.57 11.11
C ASP A 33 -14.05 -13.09 10.37
N LYS A 34 -14.22 -13.75 9.24
CA LYS A 34 -13.12 -14.34 8.47
C LYS A 34 -13.32 -13.98 7.01
N PRO A 35 -12.28 -13.47 6.34
CA PRO A 35 -12.39 -13.19 4.90
C PRO A 35 -12.60 -14.48 4.12
N LEU A 36 -13.26 -14.33 2.96
CA LEU A 36 -13.48 -15.46 2.06
C LEU A 36 -12.21 -16.25 1.82
N ILE A 37 -11.09 -15.56 1.57
CA ILE A 37 -9.87 -16.27 1.18
C ILE A 37 -9.37 -17.16 2.30
N GLN A 38 -9.61 -16.79 3.56
CA GLN A 38 -9.20 -17.66 4.64
C GLN A 38 -9.93 -19.00 4.61
N TYR A 39 -11.22 -19.00 4.26
CA TYR A 39 -11.94 -20.27 4.15
C TYR A 39 -11.37 -21.10 3.03
N ILE A 40 -11.04 -20.45 1.90
CA ILE A 40 -10.47 -21.16 0.76
C ILE A 40 -9.18 -21.87 1.17
N VAL A 41 -8.30 -21.14 1.85
CA VAL A 41 -7.02 -21.71 2.26
C VAL A 41 -7.24 -22.85 3.26
N ASP A 42 -8.19 -22.68 4.19
CA ASP A 42 -8.52 -23.76 5.12
C ASP A 42 -8.96 -25.01 4.37
N GLU A 43 -9.75 -24.83 3.31
CA GLU A 43 -10.18 -25.96 2.48
C GLU A 43 -8.99 -26.66 1.85
N CYS A 44 -8.04 -25.90 1.30
CA CYS A 44 -6.78 -26.45 0.82
C CYS A 44 -6.10 -27.29 1.87
N VAL A 45 -5.88 -26.68 3.04
CA VAL A 45 -5.17 -27.35 4.12
C VAL A 45 -5.88 -28.65 4.49
N ALA A 46 -7.22 -28.60 4.56
CA ALA A 46 -7.96 -29.82 4.89
C ALA A 46 -7.68 -30.94 3.89
N ALA A 47 -7.54 -30.58 2.61
CA ALA A 47 -7.26 -31.56 1.55
C ALA A 47 -5.77 -31.89 1.43
N GLY A 48 -4.95 -31.40 2.36
CA GLY A 48 -3.53 -31.73 2.35
C GLY A 48 -2.68 -30.96 1.37
N VAL A 49 -3.25 -30.02 0.62
CA VAL A 49 -2.45 -29.11 -0.18
C VAL A 49 -1.57 -28.26 0.73
N LYS A 50 -0.29 -28.10 0.35
CA LYS A 50 0.66 -27.30 1.11
C LYS A 50 1.21 -26.10 0.37
N GLU A 51 0.91 -25.95 -0.91
CA GLU A 51 1.45 -24.86 -1.71
C GLU A 51 0.29 -24.19 -2.42
N ILE A 52 0.20 -22.87 -2.27
CA ILE A 52 -0.91 -22.10 -2.80
C ILE A 52 -0.35 -20.98 -3.66
N VAL A 53 -0.85 -20.85 -4.88
CA VAL A 53 -0.37 -19.86 -5.83
C VAL A 53 -1.49 -18.86 -6.06
N LEU A 54 -1.29 -17.61 -5.64
CA LEU A 54 -2.24 -16.54 -5.89
C LEU A 54 -1.86 -15.83 -7.19
N VAL A 55 -2.82 -15.72 -8.10
CA VAL A 55 -2.66 -14.92 -9.30
C VAL A 55 -3.40 -13.62 -9.03
N SER A 56 -2.65 -12.57 -8.68
CA SER A 56 -3.27 -11.46 -8.00
C SER A 56 -3.06 -10.16 -8.76
N HIS A 57 -3.22 -9.03 -8.08
CA HIS A 57 -3.36 -7.72 -8.68
C HIS A 57 -2.74 -6.72 -7.70
N SER A 58 -2.21 -5.61 -8.24
CA SER A 58 -1.49 -4.63 -7.40
C SER A 58 -2.34 -4.10 -6.23
N SER A 59 -3.67 -4.11 -6.37
CA SER A 59 -4.52 -3.63 -5.28
C SER A 59 -4.79 -4.68 -4.20
N LYS A 60 -4.22 -5.87 -4.27
CA LYS A 60 -4.66 -6.95 -3.39
C LYS A 60 -3.62 -7.33 -2.33
N ASN A 61 -2.81 -6.36 -1.87
CA ASN A 61 -1.80 -6.66 -0.85
C ASN A 61 -2.39 -7.25 0.42
N ALA A 62 -3.60 -6.83 0.78
CA ALA A 62 -4.24 -7.32 2.01
C ALA A 62 -4.37 -8.85 2.03
N ILE A 63 -4.54 -9.48 0.87
CA ILE A 63 -4.65 -10.94 0.86
C ILE A 63 -3.38 -11.56 1.40
N GLU A 64 -2.22 -11.14 0.88
CA GLU A 64 -0.94 -11.65 1.36
C GLU A 64 -0.65 -11.20 2.78
N ASN A 65 -1.02 -9.97 3.12
CA ASN A 65 -0.81 -9.52 4.49
C ASN A 65 -1.57 -10.39 5.48
N HIS A 66 -2.75 -10.91 5.10
CA HIS A 66 -3.55 -11.70 6.04
C HIS A 66 -2.88 -13.00 6.44
N PHE A 67 -2.11 -13.61 5.55
CA PHE A 67 -1.43 -14.87 5.85
C PHE A 67 0.01 -14.68 6.32
N ASP A 68 0.60 -13.50 6.09
CA ASP A 68 1.93 -13.16 6.53
C ASP A 68 1.90 -12.70 7.99
N THR A 69 3.09 -12.55 8.59
CA THR A 69 3.22 -11.95 9.92
C THR A 69 2.75 -10.51 9.89
N SER A 70 1.85 -10.15 10.81
CA SER A 70 1.39 -8.77 10.94
C SER A 70 2.10 -8.18 12.17
N PHE A 71 3.22 -7.51 11.90
CA PHE A 71 4.20 -7.24 12.94
C PHE A 71 3.64 -6.35 14.04
N GLU A 72 3.03 -5.22 13.67
CA GLU A 72 2.56 -4.30 14.70
C GLU A 72 1.31 -4.82 15.39
N LEU A 73 0.50 -5.62 14.69
CA LEU A 73 -0.66 -6.20 15.35
C LEU A 73 -0.21 -7.20 16.41
N GLU A 74 0.73 -8.09 16.06
CA GLU A 74 1.27 -9.04 17.04
C GLU A 74 1.87 -8.34 18.24
N ALA A 75 2.62 -7.25 18.00
CA ALA A 75 3.17 -6.46 19.10
C ALA A 75 2.08 -5.88 19.98
N ALA A 76 1.00 -5.38 19.38
CA ALA A 76 -0.09 -4.80 20.17
C ALA A 76 -0.78 -5.87 21.00
N LEU A 77 -0.98 -7.06 20.44
CA LEU A 77 -1.61 -8.14 21.20
C LEU A 77 -0.72 -8.56 22.35
N GLU A 78 0.59 -8.70 22.10
CA GLU A 78 1.53 -8.97 23.18
C GLU A 78 1.42 -7.92 24.28
N SER A 79 1.62 -6.65 23.92
CA SER A 79 1.60 -5.56 24.88
C SER A 79 0.33 -5.55 25.74
N ARG A 80 -0.82 -5.83 25.12
CA ARG A 80 -2.08 -5.83 25.84
C ARG A 80 -2.40 -7.19 26.44
N VAL A 81 -1.42 -8.11 26.44
CA VAL A 81 -1.53 -9.49 26.90
C VAL A 81 -2.82 -10.16 26.48
N LYS A 82 -3.16 -10.04 25.19
CA LYS A 82 -4.26 -10.80 24.59
C LYS A 82 -3.69 -12.10 24.02
N ARG A 83 -3.34 -13.01 24.95
CA ARG A 83 -2.46 -14.11 24.58
C ARG A 83 -3.18 -15.11 23.68
N GLN A 84 -4.49 -15.33 23.91
CA GLN A 84 -5.19 -16.29 23.07
C GLN A 84 -5.39 -15.75 21.66
N LEU A 85 -5.73 -14.48 21.53
CA LEU A 85 -5.86 -13.88 20.20
C LEU A 85 -4.55 -13.98 19.44
N LEU A 86 -3.45 -13.59 20.09
CA LEU A 86 -2.13 -13.60 19.45
C LEU A 86 -1.79 -14.99 18.94
N LYS A 87 -2.13 -16.02 19.71
CA LYS A 87 -1.91 -17.39 19.26
C LYS A 87 -2.79 -17.73 18.06
N GLU A 88 -4.01 -17.21 18.02
CA GLU A 88 -4.89 -17.49 16.90
C GLU A 88 -4.38 -16.83 15.61
N ILE A 89 -3.99 -15.55 15.66
CA ILE A 89 -3.60 -14.96 14.38
C ILE A 89 -2.27 -15.53 13.91
N LYS A 90 -1.36 -15.90 14.82
CA LYS A 90 -0.10 -16.52 14.40
C LYS A 90 -0.35 -17.81 13.64
N ASN A 91 -1.45 -18.50 13.95
CA ASN A 91 -1.80 -19.79 13.38
C ASN A 91 -2.71 -19.71 12.16
N ILE A 92 -2.95 -18.52 11.60
CA ILE A 92 -3.87 -18.44 10.46
C ILE A 92 -3.36 -19.30 9.31
N CYS A 93 -2.05 -19.27 9.08
CA CYS A 93 -1.44 -20.06 8.03
C CYS A 93 -0.56 -21.12 8.67
N PRO A 94 -0.84 -22.40 8.48
CA PRO A 94 -0.01 -23.44 9.09
C PRO A 94 1.46 -23.27 8.72
N ALA A 95 2.32 -23.69 9.65
CA ALA A 95 3.76 -23.60 9.44
C ALA A 95 4.24 -24.31 8.19
N ASP A 96 3.56 -25.37 7.76
CA ASP A 96 4.03 -26.09 6.59
C ASP A 96 3.34 -25.65 5.29
N VAL A 97 2.62 -24.54 5.29
CA VAL A 97 1.92 -24.06 4.10
C VAL A 97 2.64 -22.84 3.57
N THR A 98 2.88 -22.81 2.26
CA THR A 98 3.56 -21.73 1.57
C THR A 98 2.60 -21.07 0.60
N ILE A 99 2.48 -19.76 0.69
CA ILE A 99 1.60 -19.00 -0.18
C ILE A 99 2.45 -18.17 -1.13
N MET A 100 2.34 -18.45 -2.43
CA MET A 100 3.09 -17.78 -3.49
C MET A 100 2.17 -16.85 -4.26
N GLN A 101 2.76 -15.84 -4.86
CA GLN A 101 2.00 -14.81 -5.55
C GLN A 101 2.69 -14.43 -6.84
N VAL A 102 1.90 -14.39 -7.93
CA VAL A 102 2.31 -13.84 -9.21
C VAL A 102 1.23 -12.84 -9.65
N ARG A 103 1.64 -11.76 -10.32
CA ARG A 103 0.69 -10.76 -10.81
C ARG A 103 0.15 -11.18 -12.18
N GLN A 104 -1.16 -11.06 -12.37
CA GLN A 104 -1.72 -11.38 -13.69
C GLN A 104 -1.33 -10.32 -14.72
N GLY A 105 -1.37 -9.06 -14.34
CA GLY A 105 -0.94 -8.01 -15.25
C GLY A 105 -2.08 -7.36 -16.04
N HIS A 106 -2.97 -8.18 -16.59
CA HIS A 106 -4.15 -7.71 -17.31
C HIS A 106 -5.25 -8.74 -17.11
N ALA A 107 -6.50 -8.26 -17.02
CA ALA A 107 -7.66 -9.14 -16.82
C ALA A 107 -8.01 -9.81 -18.16
N LYS A 108 -7.27 -10.86 -18.49
CA LYS A 108 -7.40 -11.54 -19.78
C LYS A 108 -8.18 -12.86 -19.70
N GLY A 109 -8.82 -13.17 -18.58
CA GLY A 109 -9.61 -14.38 -18.48
C GLY A 109 -9.04 -15.39 -17.49
N LEU A 110 -9.91 -16.32 -17.06
CA LEU A 110 -9.51 -17.35 -16.11
C LEU A 110 -8.41 -18.23 -16.70
N GLY A 111 -8.51 -18.55 -18.00
CA GLY A 111 -7.45 -19.33 -18.63
C GLY A 111 -6.10 -18.64 -18.56
N HIS A 112 -6.07 -17.34 -18.84
CA HIS A 112 -4.83 -16.57 -18.71
C HIS A 112 -4.35 -16.56 -17.26
N ALA A 113 -5.27 -16.34 -16.32
CA ALA A 113 -4.87 -16.35 -14.92
C ALA A 113 -4.15 -17.64 -14.57
N VAL A 114 -4.70 -18.78 -15.03
CA VAL A 114 -4.09 -20.08 -14.75
C VAL A 114 -2.72 -20.17 -15.40
N LEU A 115 -2.59 -19.66 -16.62
CA LEU A 115 -1.30 -19.68 -17.33
C LEU A 115 -0.22 -18.94 -16.55
N CYS A 116 -0.60 -17.87 -15.84
CA CYS A 116 0.38 -17.11 -15.09
C CYS A 116 1.06 -17.96 -14.03
N ALA A 117 0.44 -19.07 -13.61
CA ALA A 117 0.99 -19.91 -12.55
C ALA A 117 1.90 -20.99 -13.08
N LYS A 118 2.03 -21.12 -14.40
CA LYS A 118 2.74 -22.26 -14.98
C LYS A 118 4.17 -22.36 -14.47
N SER A 119 4.85 -21.22 -14.32
CA SER A 119 6.22 -21.22 -13.81
C SER A 119 6.32 -21.88 -12.45
N MET A 120 5.31 -21.68 -11.58
CA MET A 120 5.34 -22.30 -10.26
C MET A 120 4.85 -23.75 -10.28
N VAL A 121 3.95 -24.09 -11.20
CA VAL A 121 3.44 -25.46 -11.23
C VAL A 121 4.39 -26.38 -11.99
N GLY A 122 4.85 -25.94 -13.14
CA GLY A 122 5.76 -26.73 -13.95
C GLY A 122 4.99 -27.69 -14.84
N ASP A 123 5.69 -28.74 -15.27
CA ASP A 123 5.08 -29.76 -16.13
C ASP A 123 4.36 -30.78 -15.24
N ASN A 124 3.32 -30.31 -14.56
CA ASN A 124 2.72 -31.09 -13.49
C ASN A 124 1.23 -30.83 -13.43
N PRO A 125 0.47 -31.76 -12.88
CA PRO A 125 -0.95 -31.50 -12.64
C PRO A 125 -1.10 -30.51 -11.49
N PHE A 126 -2.31 -29.96 -11.35
CA PHE A 126 -2.51 -28.89 -10.37
C PHE A 126 -4.00 -28.73 -10.08
N ILE A 127 -4.29 -27.92 -9.07
CA ILE A 127 -5.64 -27.62 -8.62
C ILE A 127 -5.96 -26.17 -8.97
N VAL A 128 -7.21 -25.92 -9.35
CA VAL A 128 -7.72 -24.55 -9.45
C VAL A 128 -8.90 -24.42 -8.50
N MET A 129 -8.93 -23.34 -7.73
CA MET A 129 -10.08 -23.04 -6.88
C MET A 129 -10.56 -21.62 -7.16
N LEU A 130 -11.82 -21.50 -7.43
CA LEU A 130 -12.28 -20.12 -7.59
C LEU A 130 -12.63 -19.56 -6.21
N PRO A 131 -12.10 -18.40 -5.84
CA PRO A 131 -12.13 -18.00 -4.44
C PRO A 131 -13.45 -17.40 -3.94
N ASP A 132 -14.40 -17.09 -4.82
CA ASP A 132 -15.69 -16.56 -4.36
C ASP A 132 -16.68 -17.65 -3.97
N VAL A 133 -16.34 -18.91 -4.26
CA VAL A 133 -17.21 -20.04 -3.93
C VAL A 133 -16.66 -20.71 -2.68
N LEU A 134 -17.48 -20.85 -1.66
CA LEU A 134 -17.12 -21.55 -0.44
C LEU A 134 -17.79 -22.93 -0.41
N LEU A 135 -17.06 -23.94 0.04
CA LEU A 135 -17.64 -25.24 0.36
C LEU A 135 -17.84 -25.31 1.86
N ASP A 136 -19.10 -25.41 2.29
CA ASP A 136 -19.47 -25.31 3.70
C ASP A 136 -19.01 -26.53 4.48
N ASP A 137 -18.00 -26.37 5.36
CA ASP A 137 -17.49 -27.55 6.07
C ASP A 137 -18.37 -27.99 7.24
N SER A 138 -19.53 -27.38 7.45
CA SER A 138 -20.53 -28.00 8.31
C SER A 138 -21.38 -29.03 7.58
N THR A 139 -21.28 -29.11 6.25
CA THR A 139 -22.04 -30.05 5.43
C THR A 139 -21.18 -31.16 4.84
N ALA A 140 -19.86 -31.11 5.03
CA ALA A 140 -18.96 -32.07 4.40
C ALA A 140 -17.61 -31.97 5.09
N ASP A 141 -16.96 -33.13 5.22
CA ASP A 141 -15.65 -33.24 5.85
C ASP A 141 -14.62 -33.02 4.75
N LEU A 142 -14.11 -31.79 4.65
CA LEU A 142 -13.22 -31.41 3.57
C LEU A 142 -11.85 -32.08 3.66
N SER A 143 -11.60 -32.84 4.74
CA SER A 143 -10.40 -33.68 4.74
C SER A 143 -10.61 -34.99 3.98
N LYS A 144 -11.84 -35.36 3.64
CA LYS A 144 -12.10 -36.63 2.98
C LYS A 144 -12.99 -36.48 1.76
N GLU A 145 -13.85 -35.47 1.75
CA GLU A 145 -14.81 -35.26 0.67
C GLU A 145 -14.33 -34.13 -0.25
N ASN A 146 -15.07 -33.95 -1.36
CA ASN A 146 -14.86 -32.88 -2.31
C ASN A 146 -13.41 -32.79 -2.80
N LEU A 147 -12.70 -31.69 -2.55
CA LEU A 147 -11.37 -31.56 -3.13
C LEU A 147 -10.48 -32.73 -2.71
N ALA A 148 -10.61 -33.16 -1.46
CA ALA A 148 -9.82 -34.28 -0.98
C ALA A 148 -10.13 -35.54 -1.79
N SER A 149 -11.41 -35.79 -2.05
CA SER A 149 -11.79 -36.93 -2.87
C SER A 149 -11.38 -36.74 -4.32
N MET A 150 -11.51 -35.52 -4.84
CA MET A 150 -11.09 -35.24 -6.21
C MET A 150 -9.61 -35.57 -6.40
N ILE A 151 -8.79 -35.21 -5.42
CA ILE A 151 -7.37 -35.51 -5.49
C ILE A 151 -7.14 -37.03 -5.53
N LYS A 152 -7.79 -37.76 -4.60
CA LYS A 152 -7.64 -39.21 -4.54
C LYS A 152 -8.05 -39.87 -5.86
N ARG A 153 -9.20 -39.47 -6.41
CA ARG A 153 -9.62 -40.02 -7.70
C ARG A 153 -8.62 -39.70 -8.81
N PHE A 154 -8.10 -38.46 -8.85
CA PHE A 154 -7.15 -38.11 -9.90
C PHE A 154 -5.88 -38.96 -9.79
N GLU A 155 -5.38 -39.17 -8.57
CA GLU A 155 -4.21 -40.00 -8.35
C GLU A 155 -4.43 -41.42 -8.86
N GLU A 156 -5.66 -41.94 -8.73
CA GLU A 156 -5.95 -43.31 -9.10
C GLU A 156 -6.00 -43.51 -10.61
N THR A 157 -6.41 -42.48 -11.36
CA THR A 157 -6.78 -42.64 -12.76
C THR A 157 -6.06 -41.72 -13.72
N GLY A 158 -5.45 -40.63 -13.25
CA GLY A 158 -4.95 -39.61 -14.16
C GLY A 158 -6.03 -38.85 -14.91
N HIS A 159 -7.30 -38.99 -14.51
CA HIS A 159 -8.41 -38.29 -15.15
C HIS A 159 -8.62 -36.97 -14.42
N SER A 160 -8.56 -35.86 -15.15
CA SER A 160 -8.87 -34.56 -14.55
C SER A 160 -10.25 -34.63 -13.91
N GLN A 161 -10.43 -33.91 -12.81
CA GLN A 161 -11.68 -33.88 -12.06
C GLN A 161 -12.24 -32.46 -12.08
N ILE A 162 -13.52 -32.33 -12.44
CA ILE A 162 -14.21 -31.06 -12.46
C ILE A 162 -15.45 -31.16 -11.57
N MET A 163 -15.45 -30.42 -10.48
CA MET A 163 -16.53 -30.50 -9.50
C MET A 163 -17.83 -29.94 -10.07
N VAL A 164 -18.93 -30.66 -9.88
CA VAL A 164 -20.25 -30.24 -10.32
C VAL A 164 -21.24 -30.41 -9.16
N GLU A 165 -22.38 -29.72 -9.26
CA GLU A 165 -23.42 -29.90 -8.25
C GLU A 165 -24.80 -29.71 -8.87
N PRO A 166 -25.79 -30.51 -8.44
CA PRO A 166 -27.10 -30.44 -9.08
C PRO A 166 -27.78 -29.12 -8.72
N VAL A 167 -28.47 -28.56 -9.71
CA VAL A 167 -29.21 -27.30 -9.56
C VAL A 167 -30.61 -27.53 -10.14
N PRO A 168 -31.63 -26.79 -9.68
CA PRO A 168 -32.97 -26.90 -10.28
C PRO A 168 -32.92 -26.77 -11.79
N LYS A 169 -33.69 -27.62 -12.48
CA LYS A 169 -33.63 -27.67 -13.94
C LYS A 169 -33.98 -26.34 -14.59
N ALA A 170 -34.71 -25.46 -13.89
CA ALA A 170 -35.08 -24.17 -14.46
C ALA A 170 -33.96 -23.13 -14.40
N ASP A 171 -32.94 -23.37 -13.57
CA ASP A 171 -31.84 -22.42 -13.42
C ASP A 171 -30.60 -22.79 -14.22
N VAL A 172 -30.63 -23.89 -14.97
CA VAL A 172 -29.42 -24.40 -15.60
C VAL A 172 -28.77 -23.38 -16.53
N SER A 173 -29.53 -22.42 -17.07
CA SER A 173 -28.97 -21.47 -18.02
C SER A 173 -28.02 -20.47 -17.36
N LYS A 174 -27.98 -20.41 -16.04
CA LYS A 174 -27.07 -19.53 -15.33
C LYS A 174 -25.66 -20.09 -15.20
N TYR A 175 -25.40 -21.26 -15.75
CA TYR A 175 -24.23 -22.03 -15.32
C TYR A 175 -23.50 -22.62 -16.50
N GLY A 176 -22.27 -23.06 -16.24
CA GLY A 176 -21.66 -24.10 -17.05
C GLY A 176 -22.23 -25.45 -16.60
N ILE A 177 -22.58 -26.28 -17.58
CA ILE A 177 -23.35 -27.49 -17.33
C ILE A 177 -22.65 -28.67 -17.98
N ALA A 178 -22.50 -29.75 -17.22
CA ALA A 178 -21.70 -30.89 -17.63
C ALA A 178 -22.53 -31.88 -18.44
N ASP A 179 -21.98 -32.34 -19.56
CA ASP A 179 -22.53 -33.48 -20.28
C ASP A 179 -21.83 -34.75 -19.81
N CYS A 180 -22.58 -35.63 -19.15
CA CYS A 180 -22.03 -36.92 -18.68
C CYS A 180 -22.75 -38.12 -19.31
N GLY A 181 -23.33 -37.96 -20.50
CA GLY A 181 -24.02 -39.06 -21.15
C GLY A 181 -25.29 -39.53 -20.46
N HIS A 182 -25.97 -38.66 -19.72
CA HIS A 182 -27.19 -38.98 -18.99
C HIS A 182 -27.04 -40.30 -18.22
N VAL A 183 -25.96 -40.39 -17.46
CA VAL A 183 -25.77 -41.44 -16.49
C VAL A 183 -26.13 -40.89 -15.10
N ALA A 184 -26.41 -41.80 -14.19
CA ALA A 184 -26.64 -41.40 -12.81
C ALA A 184 -25.31 -41.06 -12.14
N LEU A 185 -25.27 -39.96 -11.41
CA LEU A 185 -24.10 -39.57 -10.66
C LEU A 185 -24.50 -39.35 -9.21
N ALA A 186 -23.91 -40.07 -8.33
CA ALA A 186 -24.19 -39.94 -6.92
C ALA A 186 -23.18 -39.02 -6.24
N PRO A 187 -23.54 -38.38 -5.12
CA PRO A 187 -22.60 -37.50 -4.43
C PRO A 187 -21.31 -38.22 -4.07
N GLY A 188 -20.18 -37.55 -4.32
CA GLY A 188 -18.90 -38.13 -4.07
C GLY A 188 -18.38 -39.03 -5.18
N GLU A 189 -19.14 -39.27 -6.22
CA GLU A 189 -18.72 -40.14 -7.31
C GLU A 189 -18.24 -39.31 -8.50
N SER A 190 -17.41 -39.95 -9.34
CA SER A 190 -16.97 -39.33 -10.58
C SER A 190 -17.48 -40.12 -11.77
N THR A 191 -17.70 -39.43 -12.90
CA THR A 191 -18.09 -40.11 -14.12
C THR A 191 -17.59 -39.31 -15.32
N LEU A 192 -17.43 -40.02 -16.44
CA LEU A 192 -16.95 -39.42 -17.68
C LEU A 192 -17.80 -38.21 -18.06
N MET A 193 -17.12 -37.14 -18.43
CA MET A 193 -17.77 -35.94 -18.92
C MET A 193 -17.25 -35.66 -20.33
N THR A 194 -18.17 -35.48 -21.28
CA THR A 194 -17.77 -35.28 -22.67
C THR A 194 -17.88 -33.84 -23.16
N ALA A 195 -18.46 -32.94 -22.35
CA ALA A 195 -18.59 -31.55 -22.76
C ALA A 195 -18.97 -30.72 -21.54
N VAL A 196 -18.63 -29.43 -21.59
CA VAL A 196 -19.24 -28.39 -20.77
C VAL A 196 -19.94 -27.41 -21.70
N VAL A 197 -21.22 -27.18 -21.48
CA VAL A 197 -22.01 -26.25 -22.29
C VAL A 197 -22.20 -24.96 -21.50
N GLU A 198 -21.73 -23.85 -22.06
CA GLU A 198 -21.79 -22.55 -21.39
C GLU A 198 -23.19 -21.98 -21.51
N LYS A 199 -23.91 -21.95 -20.38
CA LYS A 199 -25.25 -21.36 -20.30
C LYS A 199 -26.24 -21.98 -21.30
N PRO A 200 -26.47 -23.29 -21.23
CA PRO A 200 -27.41 -23.92 -22.16
C PRO A 200 -28.84 -23.45 -21.88
N SER A 201 -29.69 -23.58 -22.90
CA SER A 201 -31.13 -23.43 -22.67
C SER A 201 -31.66 -24.58 -21.81
N ILE A 202 -32.86 -24.37 -21.25
CA ILE A 202 -33.46 -25.35 -20.36
C ILE A 202 -33.50 -26.74 -21.00
N ALA A 203 -34.15 -26.85 -22.15
CA ALA A 203 -34.38 -28.15 -22.76
C ALA A 203 -33.19 -28.66 -23.57
N GLU A 204 -32.19 -27.82 -23.81
CA GLU A 204 -30.96 -28.23 -24.47
C GLU A 204 -29.92 -28.75 -23.48
N ALA A 205 -30.11 -28.50 -22.19
CA ALA A 205 -29.09 -28.81 -21.19
C ALA A 205 -28.92 -30.32 -21.06
N PRO A 206 -27.68 -30.83 -21.14
CA PRO A 206 -27.48 -32.29 -21.09
C PRO A 206 -27.55 -32.88 -19.69
N SER A 207 -27.68 -32.05 -18.66
CA SER A 207 -27.85 -32.51 -17.29
C SER A 207 -28.31 -31.32 -16.47
N ASN A 208 -28.40 -31.52 -15.15
CA ASN A 208 -28.55 -30.45 -14.19
C ASN A 208 -27.28 -30.28 -13.34
N LEU A 209 -26.12 -30.66 -13.87
CA LEU A 209 -24.86 -30.66 -13.12
C LEU A 209 -24.06 -29.42 -13.49
N ALA A 210 -24.04 -28.46 -12.57
CA ALA A 210 -23.41 -27.16 -12.81
C ALA A 210 -21.98 -27.18 -12.29
N VAL A 211 -21.08 -26.55 -13.05
CA VAL A 211 -19.67 -26.46 -12.65
C VAL A 211 -19.56 -25.58 -11.41
N VAL A 212 -18.92 -26.11 -10.37
CA VAL A 212 -18.88 -25.42 -9.08
C VAL A 212 -17.73 -24.42 -8.96
N GLY A 213 -16.55 -24.74 -9.53
CA GLY A 213 -15.37 -23.91 -9.35
C GLY A 213 -14.26 -24.58 -8.56
N ARG A 214 -14.15 -25.90 -8.71
CA ARG A 214 -13.05 -26.68 -8.16
C ARG A 214 -12.58 -27.62 -9.26
N TYR A 215 -11.26 -27.71 -9.48
CA TYR A 215 -10.68 -28.49 -10.56
C TYR A 215 -9.38 -29.15 -10.11
N VAL A 216 -9.21 -30.41 -10.50
CA VAL A 216 -7.90 -31.06 -10.47
C VAL A 216 -7.57 -31.37 -11.91
N LEU A 217 -6.51 -30.75 -12.42
CA LEU A 217 -6.28 -30.75 -13.84
C LEU A 217 -4.97 -31.44 -14.20
N SER A 218 -5.03 -32.22 -15.26
CA SER A 218 -3.89 -32.98 -15.75
C SER A 218 -2.82 -32.05 -16.31
N LYS A 219 -1.56 -32.46 -16.16
CA LYS A 219 -0.45 -31.70 -16.73
C LYS A 219 -0.61 -31.50 -18.23
N ASN A 220 -1.37 -32.36 -18.91
CA ASN A 220 -1.49 -32.20 -20.36
C ASN A 220 -2.33 -31.01 -20.76
N ILE A 221 -3.02 -30.35 -19.82
CA ILE A 221 -3.76 -29.14 -20.18
C ILE A 221 -2.82 -27.98 -20.48
N TRP A 222 -1.57 -28.02 -20.00
CA TRP A 222 -0.70 -26.85 -20.14
C TRP A 222 -0.52 -26.44 -21.60
N PRO A 223 0.02 -27.29 -22.50
CA PRO A 223 0.17 -26.84 -23.89
C PRO A 223 -1.14 -26.46 -24.56
N LEU A 224 -2.24 -27.11 -24.18
CA LEU A 224 -3.53 -26.73 -24.73
C LEU A 224 -3.92 -25.32 -24.30
N LEU A 225 -3.72 -25.01 -23.03
CA LEU A 225 -4.01 -23.67 -22.53
C LEU A 225 -3.15 -22.64 -23.27
N GLU A 226 -1.88 -22.98 -23.50
CA GLU A 226 -0.93 -22.06 -24.10
C GLU A 226 -1.32 -21.68 -25.54
N LYS A 227 -2.07 -22.55 -26.22
CA LYS A 227 -2.54 -22.21 -27.56
C LYS A 227 -4.05 -22.01 -27.60
N THR A 228 -4.67 -21.68 -26.47
CA THR A 228 -6.10 -21.41 -26.45
C THR A 228 -6.35 -19.98 -26.92
N PRO A 229 -7.13 -19.77 -27.98
CA PRO A 229 -7.32 -18.41 -28.51
C PRO A 229 -8.27 -17.61 -27.62
N ARG A 230 -8.27 -16.30 -27.87
CA ARG A 230 -9.19 -15.42 -27.16
C ARG A 230 -10.63 -15.79 -27.52
N GLY A 231 -11.51 -15.77 -26.50
CA GLY A 231 -12.89 -16.21 -26.69
C GLY A 231 -13.95 -15.24 -26.20
N ASP A 234 -13.76 -11.34 -24.82
CA ASP A 234 -12.45 -11.44 -25.46
C ASP A 234 -11.39 -12.02 -24.51
N GLU A 235 -11.76 -13.10 -23.82
CA GLU A 235 -10.94 -13.72 -22.79
C GLU A 235 -10.47 -15.11 -23.22
N ILE A 236 -9.26 -15.46 -22.78
CA ILE A 236 -8.76 -16.84 -22.79
C ILE A 236 -9.50 -17.63 -21.71
N GLN A 237 -10.38 -18.54 -22.14
CA GLN A 237 -11.31 -19.23 -21.25
C GLN A 237 -10.73 -20.59 -20.85
N LEU A 238 -10.75 -20.88 -19.56
CA LEU A 238 -10.33 -22.20 -19.11
C LEU A 238 -11.22 -23.29 -19.70
N THR A 239 -12.52 -23.03 -19.85
CA THR A 239 -13.43 -24.03 -20.37
C THR A 239 -13.05 -24.46 -21.78
N ASP A 240 -12.54 -23.53 -22.60
CA ASP A 240 -12.11 -23.90 -23.94
C ASP A 240 -10.88 -24.81 -23.91
N ALA A 241 -9.94 -24.56 -22.99
CA ALA A 241 -8.79 -25.44 -22.87
C ALA A 241 -9.20 -26.84 -22.41
N ILE A 242 -10.17 -26.92 -21.49
CA ILE A 242 -10.66 -28.21 -21.03
C ILE A 242 -11.35 -28.96 -22.17
N ALA A 243 -12.07 -28.24 -23.03
CA ALA A 243 -12.65 -28.87 -24.21
C ALA A 243 -11.58 -29.51 -25.08
N MET A 244 -10.46 -28.82 -25.29
CA MET A 244 -9.34 -29.43 -26.02
C MET A 244 -8.85 -30.67 -25.30
N LEU A 245 -8.76 -30.63 -23.96
CA LEU A 245 -8.26 -31.77 -23.22
C LEU A 245 -9.15 -32.99 -23.39
N MET A 246 -10.46 -32.78 -23.51
CA MET A 246 -11.36 -33.90 -23.70
C MET A 246 -11.21 -34.55 -25.08
N GLN A 247 -10.64 -33.83 -26.05
CA GLN A 247 -10.38 -34.40 -27.37
C GLN A 247 -9.16 -35.30 -27.43
N GLN A 248 -8.37 -35.39 -26.35
CA GLN A 248 -7.21 -36.26 -26.34
C GLN A 248 -7.05 -37.13 -25.10
N GLU A 249 -7.93 -37.01 -24.10
CA GLU A 249 -7.89 -37.86 -22.92
C GLU A 249 -9.16 -37.62 -22.08
N PRO A 250 -9.50 -38.54 -21.18
CA PRO A 250 -10.77 -38.42 -20.46
C PRO A 250 -10.75 -37.40 -19.33
N VAL A 251 -11.86 -36.67 -19.22
CA VAL A 251 -12.11 -35.75 -18.11
C VAL A 251 -13.39 -36.20 -17.40
N GLU A 252 -13.38 -36.13 -16.07
CA GLU A 252 -14.50 -36.62 -15.29
C GLU A 252 -15.16 -35.49 -14.52
N ALA A 253 -16.47 -35.57 -14.37
CA ALA A 253 -17.21 -34.73 -13.45
C ALA A 253 -17.22 -35.39 -12.07
N PHE A 254 -17.05 -34.58 -11.02
CA PHE A 254 -17.09 -35.04 -9.64
C PHE A 254 -18.28 -34.40 -8.94
N HIS A 255 -19.06 -35.21 -8.21
CA HIS A 255 -20.29 -34.74 -7.57
C HIS A 255 -19.96 -34.22 -6.18
N MET A 256 -20.03 -32.90 -6.01
CA MET A 256 -19.84 -32.28 -4.70
C MET A 256 -20.77 -32.90 -3.66
N THR A 257 -20.26 -33.07 -2.44
CA THR A 257 -21.09 -33.40 -1.28
C THR A 257 -21.31 -32.13 -0.45
N GLY A 258 -22.42 -32.12 0.28
CA GLY A 258 -22.74 -30.93 1.06
C GLY A 258 -23.30 -29.80 0.21
N LYS A 259 -23.05 -28.57 0.68
CA LYS A 259 -23.58 -27.36 0.06
C LYS A 259 -22.43 -26.38 -0.19
N SER A 260 -22.62 -25.50 -1.17
CA SER A 260 -21.66 -24.45 -1.50
C SER A 260 -22.33 -23.08 -1.35
N HIS A 261 -21.49 -22.05 -1.24
CA HIS A 261 -21.95 -20.68 -1.15
C HIS A 261 -21.31 -19.86 -2.27
N ASP A 262 -22.13 -19.29 -3.14
CA ASP A 262 -21.60 -18.41 -4.20
C ASP A 262 -21.60 -16.98 -3.67
N CYS A 263 -20.47 -16.59 -3.08
CA CYS A 263 -20.29 -15.27 -2.51
C CYS A 263 -19.80 -14.26 -3.55
N GLY A 264 -19.77 -14.62 -4.83
CA GLY A 264 -19.45 -13.60 -5.82
C GLY A 264 -20.59 -12.66 -6.12
N ASP A 265 -21.74 -12.97 -5.57
CA ASP A 265 -22.99 -12.27 -5.81
C ASP A 265 -23.51 -11.84 -4.44
N LYS A 266 -24.03 -10.61 -4.36
CA LYS A 266 -24.37 -9.99 -3.09
C LYS A 266 -25.30 -10.86 -2.25
N LEU A 267 -26.39 -11.35 -2.86
CA LEU A 267 -27.36 -12.14 -2.10
C LEU A 267 -26.71 -13.40 -1.51
N GLY A 268 -25.90 -14.09 -2.31
CA GLY A 268 -25.26 -15.31 -1.82
C GLY A 268 -24.29 -15.02 -0.69
N TYR A 269 -23.56 -13.91 -0.80
CA TYR A 269 -22.69 -13.50 0.29
C TYR A 269 -23.50 -13.22 1.56
N MET A 270 -24.65 -12.54 1.40
CA MET A 270 -25.47 -12.23 2.57
C MET A 270 -26.03 -13.50 3.21
N LYS A 271 -26.43 -14.48 2.39
CA LYS A 271 -26.89 -15.75 2.93
C LYS A 271 -25.78 -16.47 3.66
N ALA A 272 -24.55 -16.41 3.11
CA ALA A 272 -23.45 -17.11 3.76
C ALA A 272 -23.13 -16.47 5.10
N PHE A 273 -23.12 -15.14 5.15
CA PHE A 273 -22.95 -14.43 6.41
C PHE A 273 -23.89 -14.96 7.50
N VAL A 274 -25.20 -14.97 7.22
CA VAL A 274 -26.14 -15.49 8.22
C VAL A 274 -25.88 -16.97 8.52
N THR A 275 -25.66 -17.79 7.47
CA THR A 275 -25.56 -19.23 7.69
C THR A 275 -24.33 -19.59 8.54
N TYR A 276 -23.19 -18.97 8.26
CA TYR A 276 -22.05 -19.14 9.14
C TYR A 276 -22.29 -18.46 10.48
N GLY A 277 -23.07 -17.39 10.49
CA GLY A 277 -23.28 -16.68 11.75
C GLY A 277 -24.01 -17.49 12.79
N VAL A 278 -25.04 -18.24 12.39
CA VAL A 278 -25.87 -18.90 13.40
C VAL A 278 -25.07 -19.98 14.12
N ARG A 279 -24.08 -20.56 13.46
CA ARG A 279 -23.24 -21.57 14.08
C ARG A 279 -21.87 -21.02 14.48
N HIS A 280 -21.72 -19.70 14.52
CA HIS A 280 -20.43 -19.15 14.89
C HIS A 280 -20.00 -19.65 16.27
N HIS A 281 -18.70 -19.91 16.41
CA HIS A 281 -18.22 -20.62 17.58
C HIS A 281 -18.30 -19.80 18.86
N THR A 282 -18.32 -18.46 18.81
CA THR A 282 -18.63 -17.72 20.03
C THR A 282 -19.96 -16.97 19.97
N GLU A 283 -20.40 -16.55 18.79
CA GLU A 283 -21.58 -15.69 18.69
C GLU A 283 -22.83 -16.44 18.28
N GLY A 284 -22.69 -17.69 17.87
CA GLY A 284 -23.79 -18.37 17.20
C GLY A 284 -25.03 -18.49 18.07
N GLU A 285 -24.84 -18.78 19.36
CA GLU A 285 -25.98 -18.96 20.24
C GLU A 285 -26.78 -17.67 20.36
N LYS A 286 -26.11 -16.57 20.70
CA LYS A 286 -26.77 -15.27 20.81
C LYS A 286 -27.37 -14.82 19.48
N PHE A 287 -26.61 -14.91 18.40
CA PHE A 287 -27.12 -14.51 17.08
C PHE A 287 -28.38 -15.29 16.71
N THR A 288 -28.38 -16.60 16.99
CA THR A 288 -29.55 -17.43 16.68
C THR A 288 -30.78 -16.98 17.46
N ALA A 289 -30.62 -16.77 18.77
CA ALA A 289 -31.73 -16.31 19.58
C ALA A 289 -32.20 -14.93 19.13
N TRP A 290 -31.26 -14.07 18.70
CA TRP A 290 -31.66 -12.76 18.23
C TRP A 290 -32.47 -12.87 16.94
N LEU A 291 -32.03 -13.72 16.01
CA LEU A 291 -32.81 -13.95 14.80
C LEU A 291 -34.21 -14.46 15.14
N LYS A 292 -34.30 -15.42 16.08
CA LYS A 292 -35.61 -15.97 16.43
C LYS A 292 -36.54 -14.89 16.98
N GLN A 293 -36.07 -14.10 17.95
CA GLN A 293 -36.84 -13.00 18.52
C GLN A 293 -36.90 -11.77 17.61
N CYS B 3 -17.83 27.12 11.34
CA CYS B 3 -18.34 25.81 10.90
C CYS B 3 -17.63 24.61 11.54
N LEU B 4 -18.44 23.74 12.17
CA LEU B 4 -17.90 22.60 12.91
C LEU B 4 -17.29 21.55 12.00
N LYS B 5 -16.08 21.11 12.33
CA LYS B 5 -15.47 19.96 11.68
C LYS B 5 -15.76 18.71 12.51
N ALA B 6 -15.82 17.56 11.83
CA ALA B 6 -16.00 16.27 12.50
C ALA B 6 -14.65 15.55 12.60
N VAL B 7 -14.21 15.31 13.82
CA VAL B 7 -12.99 14.52 14.06
C VAL B 7 -13.38 13.06 14.22
N ILE B 8 -12.77 12.19 13.42
CA ILE B 8 -13.13 10.77 13.47
C ILE B 8 -11.87 9.95 13.74
N PRO B 9 -11.72 9.36 14.92
CA PRO B 9 -10.52 8.54 15.17
C PRO B 9 -10.65 7.20 14.46
N VAL B 10 -9.70 6.93 13.55
CA VAL B 10 -9.71 5.69 12.78
C VAL B 10 -8.34 4.99 12.82
N ALA B 11 -7.61 5.14 13.92
CA ALA B 11 -6.29 4.53 13.98
C ALA B 11 -6.26 3.18 14.70
N GLY B 12 -7.37 2.74 15.29
CA GLY B 12 -7.34 1.49 16.04
C GLY B 12 -7.19 0.27 15.15
N LEU B 13 -6.53 -0.76 15.70
CA LEU B 13 -6.23 -1.96 14.93
C LEU B 13 -7.38 -2.96 14.93
N GLY B 14 -8.44 -2.72 15.70
CA GLY B 14 -9.63 -3.54 15.61
C GLY B 14 -9.52 -4.96 16.12
N THR B 15 -8.83 -5.15 17.26
CA THR B 15 -8.60 -6.48 17.80
C THR B 15 -9.89 -7.21 18.17
N ARG B 16 -11.00 -6.51 18.35
CA ARG B 16 -12.23 -7.21 18.69
C ARG B 16 -12.89 -7.88 17.49
N MET B 17 -12.46 -7.58 16.27
CA MET B 17 -13.07 -8.17 15.09
C MET B 17 -12.10 -9.07 14.35
N LEU B 18 -11.04 -9.48 15.02
CA LEU B 18 -10.08 -10.39 14.45
C LEU B 18 -10.74 -11.76 14.19
N PRO B 19 -10.31 -12.47 13.13
CA PRO B 19 -9.24 -12.07 12.22
C PRO B 19 -9.69 -11.26 10.99
N ALA B 20 -10.96 -10.89 10.87
CA ALA B 20 -11.41 -10.08 9.73
C ALA B 20 -10.54 -8.84 9.55
N THR B 21 -10.17 -8.19 10.65
CA THR B 21 -9.45 -6.92 10.63
C THR B 21 -7.93 -7.07 10.67
N LYS B 22 -7.41 -8.29 10.46
CA LYS B 22 -5.97 -8.49 10.50
C LYS B 22 -5.28 -7.67 9.43
N ALA B 23 -5.90 -7.54 8.25
CA ALA B 23 -5.28 -6.87 7.12
C ALA B 23 -6.19 -5.87 6.42
N ILE B 24 -7.39 -5.63 6.95
CA ILE B 24 -8.23 -4.54 6.43
C ILE B 24 -8.72 -3.75 7.63
N PRO B 25 -8.94 -2.45 7.49
CA PRO B 25 -9.34 -1.65 8.65
C PRO B 25 -10.72 -2.07 9.13
N LYS B 26 -10.93 -1.98 10.45
CA LYS B 26 -12.27 -2.18 11.01
C LYS B 26 -13.26 -1.20 10.40
N GLU B 27 -12.80 -0.02 10.03
CA GLU B 27 -13.68 0.97 9.41
C GLU B 27 -14.18 0.52 8.04
N MET B 28 -13.55 -0.50 7.44
CA MET B 28 -13.93 -0.96 6.12
C MET B 28 -14.77 -2.25 6.13
N LEU B 29 -15.12 -2.76 7.31
CA LEU B 29 -16.01 -3.91 7.38
C LEU B 29 -17.33 -3.55 6.71
N PRO B 30 -17.82 -4.37 5.78
CA PRO B 30 -19.06 -4.05 5.06
C PRO B 30 -20.30 -4.40 5.89
N VAL B 31 -21.22 -3.45 6.00
CA VAL B 31 -22.56 -3.75 6.48
C VAL B 31 -23.41 -3.93 5.24
N VAL B 32 -23.58 -5.20 4.83
CA VAL B 32 -24.11 -5.66 3.55
C VAL B 32 -23.10 -5.36 2.45
N ASP B 33 -23.19 -4.16 1.86
CA ASP B 33 -22.35 -3.81 0.72
C ASP B 33 -21.64 -2.46 0.89
N LYS B 34 -21.66 -1.89 2.09
CA LYS B 34 -21.01 -0.60 2.35
C LYS B 34 -20.14 -0.66 3.60
N PRO B 35 -18.92 -0.13 3.53
CA PRO B 35 -18.09 -0.07 4.74
C PRO B 35 -18.72 0.82 5.80
N LEU B 36 -18.49 0.44 7.06
CA LEU B 36 -18.87 1.26 8.21
C LEU B 36 -18.63 2.75 7.97
N ILE B 37 -17.45 3.11 7.45
CA ILE B 37 -17.04 4.51 7.40
C ILE B 37 -17.90 5.32 6.45
N GLN B 38 -18.45 4.68 5.40
CA GLN B 38 -19.33 5.39 4.48
C GLN B 38 -20.63 5.81 5.16
N TYR B 39 -21.19 4.95 6.02
CA TYR B 39 -22.34 5.36 6.82
C TYR B 39 -22.00 6.56 7.68
N ILE B 40 -20.83 6.53 8.30
CA ILE B 40 -20.40 7.62 9.17
C ILE B 40 -20.27 8.90 8.37
N VAL B 41 -19.66 8.82 7.20
CA VAL B 41 -19.49 10.02 6.39
C VAL B 41 -20.84 10.53 5.88
N ASP B 42 -21.73 9.62 5.47
CA ASP B 42 -23.10 10.00 5.09
C ASP B 42 -23.80 10.73 6.23
N GLU B 43 -23.71 10.20 7.45
CA GLU B 43 -24.31 10.87 8.61
C GLU B 43 -23.73 12.27 8.79
N CYS B 44 -22.41 12.42 8.61
N CYS B 44 -22.42 12.42 8.57
CA CYS B 44 -21.79 13.75 8.65
CA CYS B 44 -21.77 13.71 8.65
C CYS B 44 -22.41 14.67 7.61
C CYS B 44 -22.34 14.68 7.61
N VAL B 45 -22.44 14.21 6.36
CA VAL B 45 -22.99 15.02 5.29
C VAL B 45 -24.42 15.43 5.60
N ALA B 46 -25.24 14.49 6.07
CA ALA B 46 -26.64 14.78 6.38
C ALA B 46 -26.78 15.85 7.46
N ALA B 47 -25.85 15.88 8.41
CA ALA B 47 -25.88 16.88 9.48
C ALA B 47 -25.29 18.22 9.04
N GLY B 48 -24.88 18.35 7.79
CA GLY B 48 -24.34 19.59 7.26
C GLY B 48 -22.84 19.78 7.38
N VAL B 49 -22.12 18.79 7.90
CA VAL B 49 -20.68 18.92 8.06
C VAL B 49 -20.02 18.73 6.71
N LYS B 50 -19.08 19.62 6.39
CA LYS B 50 -18.37 19.58 5.13
C LYS B 50 -16.90 19.27 5.30
N GLU B 51 -16.39 19.24 6.52
CA GLU B 51 -14.96 19.04 6.75
C GLU B 51 -14.82 17.92 7.77
N ILE B 52 -14.11 16.87 7.38
CA ILE B 52 -13.98 15.65 8.17
C ILE B 52 -12.50 15.38 8.36
N VAL B 53 -12.09 15.24 9.62
CA VAL B 53 -10.70 15.02 9.97
C VAL B 53 -10.55 13.57 10.44
N LEU B 54 -9.82 12.78 9.67
CA LEU B 54 -9.53 11.40 10.03
C LEU B 54 -8.20 11.38 10.78
N VAL B 55 -8.18 10.79 11.97
CA VAL B 55 -6.94 10.62 12.72
C VAL B 55 -6.54 9.17 12.55
N SER B 56 -5.49 8.93 11.79
CA SER B 56 -5.40 7.62 11.17
C SER B 56 -4.07 6.91 11.39
N HIS B 57 -3.82 5.88 10.59
CA HIS B 57 -2.74 4.94 10.83
C HIS B 57 -2.17 4.49 9.50
N SER B 58 -0.87 4.22 9.49
CA SER B 58 -0.18 3.78 8.27
C SER B 58 -0.87 2.60 7.60
N SER B 59 -1.60 1.77 8.35
CA SER B 59 -2.28 0.61 7.79
C SER B 59 -3.64 0.93 7.19
N LYS B 60 -4.10 2.19 7.22
CA LYS B 60 -5.50 2.48 6.91
C LYS B 60 -5.68 3.20 5.58
N ASN B 61 -4.77 3.00 4.63
CA ASN B 61 -4.89 3.68 3.34
C ASN B 61 -6.23 3.38 2.67
N ALA B 62 -6.81 2.21 2.94
CA ALA B 62 -8.04 1.83 2.26
C ALA B 62 -9.20 2.76 2.61
N ILE B 63 -9.21 3.35 3.81
CA ILE B 63 -10.27 4.30 4.13
C ILE B 63 -10.24 5.48 3.16
N GLU B 64 -9.05 6.05 2.93
CA GLU B 64 -9.00 7.24 2.07
C GLU B 64 -9.23 6.88 0.62
N ASN B 65 -8.73 5.72 0.20
CA ASN B 65 -9.01 5.24 -1.15
C ASN B 65 -10.51 5.14 -1.40
N HIS B 66 -11.27 4.70 -0.40
CA HIS B 66 -12.71 4.51 -0.58
C HIS B 66 -13.38 5.80 -1.02
N PHE B 67 -12.95 6.93 -0.47
CA PHE B 67 -13.57 8.22 -0.77
C PHE B 67 -12.84 9.00 -1.86
N ASP B 68 -11.69 8.53 -2.32
CA ASP B 68 -10.92 9.14 -3.40
C ASP B 68 -11.33 8.53 -4.74
N THR B 69 -10.80 9.10 -5.82
CA THR B 69 -10.97 8.48 -7.13
C THR B 69 -10.25 7.12 -7.19
N SER B 70 -10.98 6.08 -7.59
CA SER B 70 -10.40 4.76 -7.82
C SER B 70 -10.27 4.57 -9.33
N PHE B 71 -9.10 4.98 -9.84
CA PHE B 71 -8.92 5.22 -11.27
C PHE B 71 -9.18 3.97 -12.10
N GLU B 72 -8.48 2.87 -11.78
CA GLU B 72 -8.63 1.65 -12.55
C GLU B 72 -10.04 1.08 -12.44
N LEU B 73 -10.71 1.32 -11.31
CA LEU B 73 -12.08 0.82 -11.13
C LEU B 73 -13.05 1.56 -12.04
N GLU B 74 -12.92 2.89 -12.13
CA GLU B 74 -13.77 3.68 -13.03
C GLU B 74 -13.54 3.27 -14.48
N ALA B 75 -12.28 3.11 -14.88
CA ALA B 75 -11.99 2.69 -16.25
C ALA B 75 -12.69 1.38 -16.59
N ALA B 76 -12.62 0.40 -15.69
CA ALA B 76 -13.31 -0.87 -15.91
C ALA B 76 -14.82 -0.67 -15.99
N LEU B 77 -15.38 0.13 -15.09
CA LEU B 77 -16.81 0.40 -15.14
C LEU B 77 -17.21 1.07 -16.46
N GLU B 78 -16.34 1.94 -17.00
CA GLU B 78 -16.64 2.64 -18.24
C GLU B 78 -16.68 1.66 -19.43
N SER B 79 -15.60 0.89 -19.61
CA SER B 79 -15.52 -0.07 -20.71
C SER B 79 -16.29 -1.35 -20.38
N ARG B 80 -17.38 -1.20 -19.63
CA ARG B 80 -18.41 -2.23 -19.47
C ARG B 80 -19.78 -1.58 -19.36
N VAL B 81 -19.87 -0.30 -19.76
CA VAL B 81 -21.04 0.59 -19.73
C VAL B 81 -21.94 0.34 -18.51
N LYS B 82 -21.30 0.11 -17.35
CA LYS B 82 -21.98 0.10 -16.06
C LYS B 82 -22.17 1.56 -15.60
N ARG B 83 -23.03 2.28 -16.34
CA ARG B 83 -23.03 3.74 -16.21
C ARG B 83 -23.67 4.20 -14.91
N GLN B 84 -24.70 3.50 -14.43
CA GLN B 84 -25.28 3.82 -13.13
C GLN B 84 -24.31 3.49 -12.00
N LEU B 85 -23.64 2.33 -12.10
CA LEU B 85 -22.62 1.98 -11.11
C LEU B 85 -21.48 3.00 -11.12
N LEU B 86 -21.03 3.40 -12.32
CA LEU B 86 -19.97 4.39 -12.41
C LEU B 86 -20.39 5.70 -11.74
N LYS B 87 -21.65 6.08 -11.92
CA LYS B 87 -22.16 7.31 -11.33
C LYS B 87 -22.14 7.25 -9.81
N GLU B 88 -22.54 6.11 -9.24
CA GLU B 88 -22.58 5.97 -7.78
C GLU B 88 -21.18 5.98 -7.19
N ILE B 89 -20.27 5.22 -7.79
CA ILE B 89 -18.87 5.20 -7.36
C ILE B 89 -18.31 6.61 -7.37
N LYS B 90 -18.55 7.36 -8.44
CA LYS B 90 -18.01 8.72 -8.53
C LYS B 90 -18.58 9.64 -7.45
N ASN B 91 -19.73 9.29 -6.88
CA ASN B 91 -20.45 10.17 -5.97
C ASN B 91 -20.50 9.66 -4.52
N ILE B 92 -19.65 8.69 -4.16
CA ILE B 92 -19.60 8.26 -2.75
C ILE B 92 -19.30 9.45 -1.84
N CYS B 93 -18.40 10.34 -2.27
CA CYS B 93 -18.04 11.52 -1.50
C CYS B 93 -18.55 12.78 -2.19
N PRO B 94 -19.48 13.53 -1.60
CA PRO B 94 -19.99 14.74 -2.27
C PRO B 94 -18.88 15.70 -2.62
N ALA B 95 -19.07 16.42 -3.73
CA ALA B 95 -18.02 17.30 -4.26
C ALA B 95 -17.68 18.47 -3.34
N ASP B 96 -18.55 18.82 -2.40
CA ASP B 96 -18.24 19.89 -1.46
C ASP B 96 -17.73 19.38 -0.12
N VAL B 97 -17.42 18.09 -0.01
CA VAL B 97 -16.94 17.50 1.24
C VAL B 97 -15.45 17.25 1.11
N THR B 98 -14.69 17.77 2.07
CA THR B 98 -13.25 17.58 2.12
C THR B 98 -12.93 16.65 3.27
N ILE B 99 -12.30 15.52 2.94
CA ILE B 99 -11.80 14.58 3.94
C ILE B 99 -10.30 14.80 4.07
N MET B 100 -9.83 15.13 5.26
CA MET B 100 -8.42 15.31 5.49
C MET B 100 -7.96 14.28 6.50
N GLN B 101 -6.65 14.03 6.50
CA GLN B 101 -6.10 12.95 7.29
C GLN B 101 -4.83 13.40 7.99
N VAL B 102 -4.68 12.99 9.24
CA VAL B 102 -3.46 13.18 10.01
C VAL B 102 -3.12 11.86 10.69
N ARG B 103 -1.83 11.52 10.78
CA ARG B 103 -1.42 10.27 11.41
C ARG B 103 -1.31 10.47 12.92
N GLN B 104 -1.90 9.55 13.69
CA GLN B 104 -1.81 9.63 15.14
C GLN B 104 -0.36 9.47 15.61
N GLY B 105 0.41 8.63 14.96
CA GLY B 105 1.77 8.43 15.42
C GLY B 105 1.92 7.30 16.43
N HIS B 106 1.19 7.35 17.53
CA HIS B 106 1.25 6.29 18.54
C HIS B 106 -0.15 6.03 19.07
N ALA B 107 -0.44 4.75 19.37
CA ALA B 107 -1.72 4.38 19.98
C ALA B 107 -1.79 4.89 21.42
N LYS B 108 -2.17 6.15 21.60
CA LYS B 108 -2.16 6.77 22.93
C LYS B 108 -3.56 7.15 23.39
N GLY B 109 -4.61 6.49 22.88
CA GLY B 109 -5.96 6.71 23.36
C GLY B 109 -6.72 7.77 22.58
N LEU B 110 -8.02 7.86 22.91
CA LEU B 110 -8.94 8.69 22.15
C LEU B 110 -8.66 10.18 22.35
N GLY B 111 -8.28 10.59 23.56
CA GLY B 111 -7.92 11.98 23.79
C GLY B 111 -6.69 12.40 23.01
N HIS B 112 -5.67 11.55 22.95
CA HIS B 112 -4.50 11.86 22.13
C HIS B 112 -4.89 12.02 20.67
N ALA B 113 -5.78 11.15 20.21
CA ALA B 113 -6.28 11.23 18.85
C ALA B 113 -6.88 12.58 18.58
N VAL B 114 -7.76 13.04 19.47
CA VAL B 114 -8.36 14.36 19.30
C VAL B 114 -7.28 15.43 19.26
N LEU B 115 -6.25 15.29 20.12
CA LEU B 115 -5.16 16.26 20.15
C LEU B 115 -4.43 16.34 18.82
N CYS B 116 -4.30 15.22 18.10
CA CYS B 116 -3.70 15.22 16.78
C CYS B 116 -4.44 16.10 15.79
N ALA B 117 -5.73 16.37 16.03
CA ALA B 117 -6.58 17.17 15.15
C ALA B 117 -6.57 18.65 15.50
N LYS B 118 -5.91 19.03 16.59
CA LYS B 118 -5.96 20.42 17.03
C LYS B 118 -5.54 21.37 15.93
N SER B 119 -4.54 20.99 15.13
CA SER B 119 -4.00 21.91 14.15
C SER B 119 -5.00 22.21 13.02
N MET B 120 -5.90 21.28 12.72
CA MET B 120 -6.94 21.52 11.74
C MET B 120 -8.15 22.21 12.33
N VAL B 121 -8.48 21.91 13.60
CA VAL B 121 -9.65 22.47 14.23
C VAL B 121 -9.37 23.90 14.70
N GLY B 122 -8.23 24.11 15.33
CA GLY B 122 -7.91 25.39 15.91
C GLY B 122 -8.49 25.52 17.30
N ASP B 123 -8.55 26.77 17.77
CA ASP B 123 -9.20 27.07 19.03
C ASP B 123 -10.70 27.27 18.77
N ASN B 124 -11.35 26.17 18.45
CA ASN B 124 -12.74 26.18 18.01
C ASN B 124 -13.44 24.96 18.58
N PRO B 125 -14.77 24.97 18.61
CA PRO B 125 -15.49 23.74 18.96
C PRO B 125 -15.44 22.77 17.79
N PHE B 126 -15.83 21.53 18.06
CA PHE B 126 -15.70 20.48 17.06
C PHE B 126 -16.59 19.28 17.44
N ILE B 127 -16.71 18.38 16.48
CA ILE B 127 -17.49 17.17 16.58
C ILE B 127 -16.52 16.00 16.71
N VAL B 128 -16.90 15.00 17.50
CA VAL B 128 -16.19 13.72 17.57
C VAL B 128 -17.21 12.63 17.30
N MET B 129 -16.89 11.76 16.35
CA MET B 129 -17.74 10.61 16.01
C MET B 129 -16.91 9.34 16.10
N LEU B 130 -17.35 8.40 16.90
CA LEU B 130 -16.66 7.11 16.97
C LEU B 130 -17.15 6.25 15.81
N PRO B 131 -16.26 5.81 14.92
CA PRO B 131 -16.71 5.27 13.63
C PRO B 131 -17.27 3.86 13.70
N ASP B 132 -17.18 3.18 14.84
CA ASP B 132 -17.69 1.81 14.95
C ASP B 132 -19.17 1.78 15.29
N VAL B 133 -19.79 2.93 15.55
CA VAL B 133 -21.19 3.01 15.93
C VAL B 133 -21.94 3.71 14.81
N LEU B 134 -22.96 3.04 14.27
CA LEU B 134 -23.81 3.59 13.22
C LEU B 134 -25.13 4.05 13.81
N LEU B 135 -25.62 5.22 13.39
CA LEU B 135 -26.99 5.63 13.68
C LEU B 135 -27.86 5.25 12.47
N ASP B 136 -28.90 4.45 12.72
CA ASP B 136 -29.67 3.80 11.67
C ASP B 136 -30.59 4.83 11.04
N ASP B 137 -30.35 5.20 9.78
CA ASP B 137 -31.16 6.27 9.21
C ASP B 137 -32.50 5.79 8.70
N SER B 138 -32.82 4.51 8.88
CA SER B 138 -34.19 4.04 8.71
C SER B 138 -35.05 4.32 9.94
N THR B 139 -34.44 4.76 11.05
CA THR B 139 -35.15 5.00 12.31
C THR B 139 -35.06 6.45 12.75
N ALA B 140 -34.50 7.35 11.92
CA ALA B 140 -34.34 8.75 12.28
C ALA B 140 -33.83 9.50 11.05
N ASP B 141 -34.32 10.72 10.88
CA ASP B 141 -33.87 11.61 9.81
C ASP B 141 -32.59 12.29 10.28
N LEU B 142 -31.46 11.82 9.77
CA LEU B 142 -30.17 12.30 10.26
C LEU B 142 -29.85 13.71 9.81
N SER B 143 -30.69 14.29 8.93
CA SER B 143 -30.56 15.71 8.62
C SER B 143 -31.29 16.59 9.61
N LYS B 144 -32.17 16.03 10.45
CA LYS B 144 -32.87 16.83 11.44
C LYS B 144 -32.67 16.36 12.86
N GLU B 145 -32.28 15.11 13.07
CA GLU B 145 -32.18 14.53 14.39
C GLU B 145 -30.73 14.16 14.70
N ASN B 146 -30.51 13.80 15.95
CA ASN B 146 -29.23 13.28 16.43
C ASN B 146 -28.13 14.31 16.18
N LEU B 147 -27.11 14.03 15.37
CA LEU B 147 -25.99 14.95 15.31
C LEU B 147 -26.45 16.33 14.83
N ALA B 148 -27.36 16.38 13.85
CA ALA B 148 -27.90 17.67 13.40
C ALA B 148 -28.54 18.44 14.55
N SER B 149 -29.33 17.78 15.39
CA SER B 149 -29.97 18.47 16.52
C SER B 149 -28.95 18.82 17.60
N MET B 150 -27.94 17.97 17.81
CA MET B 150 -26.91 18.30 18.78
C MET B 150 -26.16 19.56 18.36
N ILE B 151 -25.81 19.67 17.08
CA ILE B 151 -25.17 20.88 16.58
C ILE B 151 -26.05 22.09 16.87
N LYS B 152 -27.34 22.00 16.50
CA LYS B 152 -28.27 23.11 16.75
C LYS B 152 -28.29 23.51 18.21
N ARG B 153 -28.49 22.52 19.09
CA ARG B 153 -28.52 22.79 20.54
C ARG B 153 -27.21 23.39 21.01
N PHE B 154 -26.07 22.86 20.57
CA PHE B 154 -24.79 23.43 20.96
C PHE B 154 -24.67 24.88 20.52
N GLU B 155 -24.96 25.15 19.25
CA GLU B 155 -24.72 26.49 18.73
C GLU B 155 -25.71 27.51 19.25
N GLU B 156 -26.86 27.07 19.79
CA GLU B 156 -27.81 28.00 20.39
C GLU B 156 -27.52 28.29 21.84
N THR B 157 -26.88 27.36 22.53
CA THR B 157 -26.75 27.43 23.98
C THR B 157 -25.31 27.49 24.47
N GLY B 158 -24.34 27.13 23.62
CA GLY B 158 -22.97 26.92 24.06
C GLY B 158 -22.74 25.70 24.92
N HIS B 159 -23.76 24.87 25.18
CA HIS B 159 -23.53 23.73 26.05
C HIS B 159 -23.07 22.53 25.21
N SER B 160 -21.91 21.98 25.58
CA SER B 160 -21.44 20.75 24.96
C SER B 160 -22.51 19.67 25.05
N GLN B 161 -22.58 18.85 24.01
CA GLN B 161 -23.62 17.85 23.83
C GLN B 161 -22.99 16.46 23.69
N ILE B 162 -23.42 15.53 24.53
CA ILE B 162 -22.93 14.17 24.51
C ILE B 162 -24.12 13.25 24.28
N MET B 163 -24.11 12.52 23.17
CA MET B 163 -25.23 11.66 22.82
C MET B 163 -25.32 10.46 23.78
N VAL B 164 -26.52 10.19 24.27
CA VAL B 164 -26.82 9.04 25.10
C VAL B 164 -28.06 8.31 24.55
N GLU B 165 -28.21 7.04 24.94
CA GLU B 165 -29.42 6.28 24.60
C GLU B 165 -29.80 5.37 25.77
N PRO B 166 -31.09 5.19 26.02
CA PRO B 166 -31.49 4.29 27.11
C PRO B 166 -31.14 2.85 26.75
N VAL B 167 -30.64 2.15 27.75
CA VAL B 167 -30.38 0.72 27.69
C VAL B 167 -31.20 0.09 28.79
N PRO B 168 -31.49 -1.20 28.68
CA PRO B 168 -32.23 -1.87 29.76
C PRO B 168 -31.43 -1.82 31.07
N LYS B 169 -32.14 -1.61 32.18
CA LYS B 169 -31.50 -1.40 33.47
C LYS B 169 -30.53 -2.51 33.82
N ALA B 170 -30.76 -3.73 33.32
CA ALA B 170 -29.85 -4.84 33.60
C ALA B 170 -28.53 -4.72 32.86
N ASP B 171 -28.40 -3.80 31.89
CA ASP B 171 -27.24 -3.73 31.02
C ASP B 171 -26.27 -2.63 31.38
N VAL B 172 -26.59 -1.78 32.35
CA VAL B 172 -25.82 -0.57 32.65
C VAL B 172 -24.33 -0.84 32.86
N SER B 173 -23.96 -2.11 33.10
CA SER B 173 -22.57 -2.43 33.42
C SER B 173 -21.65 -2.48 32.20
N LYS B 174 -22.21 -2.55 30.99
CA LYS B 174 -21.40 -2.56 29.76
C LYS B 174 -20.92 -1.18 29.34
N TYR B 175 -21.59 -0.10 29.74
CA TYR B 175 -21.42 1.20 29.12
C TYR B 175 -20.96 2.26 30.12
N GLY B 176 -20.49 3.37 29.58
CA GLY B 176 -20.40 4.59 30.38
C GLY B 176 -21.80 5.17 30.55
N ILE B 177 -22.16 5.47 31.80
CA ILE B 177 -23.53 5.86 32.16
C ILE B 177 -23.55 7.33 32.57
N ALA B 178 -24.42 8.11 31.93
CA ALA B 178 -24.53 9.52 32.25
C ALA B 178 -25.27 9.70 33.56
N ASP B 179 -24.79 10.65 34.36
CA ASP B 179 -25.50 11.07 35.58
C ASP B 179 -26.22 12.36 35.24
N CYS B 180 -27.54 12.26 35.03
CA CYS B 180 -28.38 13.42 34.73
C CYS B 180 -29.28 13.81 35.90
N GLY B 181 -28.97 13.33 37.10
CA GLY B 181 -29.78 13.68 38.26
C GLY B 181 -31.21 13.20 38.21
N HIS B 182 -31.46 12.05 37.57
CA HIS B 182 -32.77 11.39 37.59
C HIS B 182 -33.86 12.25 36.92
N VAL B 183 -33.53 12.83 35.76
CA VAL B 183 -34.48 13.56 34.93
C VAL B 183 -35.11 12.56 33.96
N ALA B 184 -36.42 12.71 33.71
CA ALA B 184 -37.13 11.88 32.73
C ALA B 184 -36.83 12.40 31.32
N LEU B 185 -35.63 12.06 30.83
CA LEU B 185 -35.15 12.55 29.55
C LEU B 185 -35.81 11.80 28.41
N ALA B 186 -36.44 12.52 27.50
CA ALA B 186 -37.17 11.97 26.38
C ALA B 186 -36.36 12.08 25.09
N PRO B 187 -36.69 11.27 24.08
CA PRO B 187 -35.88 11.29 22.85
C PRO B 187 -35.79 12.68 22.23
N GLY B 188 -34.57 13.05 21.83
CA GLY B 188 -34.32 14.33 21.21
C GLY B 188 -34.13 15.49 22.16
N GLU B 189 -34.24 15.26 23.47
CA GLU B 189 -34.08 16.32 24.45
C GLU B 189 -32.68 16.31 25.04
N SER B 190 -32.32 17.44 25.64
CA SER B 190 -31.04 17.63 26.29
C SER B 190 -31.26 17.98 27.77
N THR B 191 -30.42 17.43 28.64
CA THR B 191 -30.43 17.87 30.02
C THR B 191 -29.01 17.83 30.57
N LEU B 192 -28.75 18.71 31.55
CA LEU B 192 -27.45 18.80 32.19
C LEU B 192 -26.99 17.44 32.71
N MET B 193 -25.71 17.16 32.49
CA MET B 193 -25.07 15.92 32.93
C MET B 193 -23.87 16.27 33.80
N THR B 194 -23.78 15.66 34.98
CA THR B 194 -22.76 16.00 35.96
C THR B 194 -21.56 15.05 35.96
N ALA B 195 -21.71 13.83 35.44
CA ALA B 195 -20.61 12.87 35.42
C ALA B 195 -20.99 11.72 34.50
N VAL B 196 -19.98 11.02 34.01
CA VAL B 196 -20.17 9.74 33.34
C VAL B 196 -19.49 8.68 34.20
N VAL B 197 -20.25 7.65 34.56
CA VAL B 197 -19.76 6.56 35.38
C VAL B 197 -19.40 5.39 34.48
N GLU B 198 -18.17 4.90 34.63
CA GLU B 198 -17.60 3.85 33.78
C GLU B 198 -18.00 2.48 34.31
N LYS B 199 -19.03 1.89 33.73
CA LYS B 199 -19.48 0.52 34.00
C LYS B 199 -19.90 0.31 35.45
N PRO B 200 -20.97 0.96 35.91
CA PRO B 200 -21.42 0.75 37.29
C PRO B 200 -22.24 -0.52 37.44
N SER B 201 -22.34 -0.97 38.69
CA SER B 201 -23.29 -2.02 39.01
C SER B 201 -24.71 -1.53 38.73
N ILE B 202 -25.65 -2.48 38.68
CA ILE B 202 -27.07 -2.13 38.53
C ILE B 202 -27.54 -1.21 39.65
N ALA B 203 -26.84 -1.20 40.79
CA ALA B 203 -27.21 -0.33 41.91
C ALA B 203 -26.29 0.88 42.06
N GLU B 204 -25.17 0.93 41.33
CA GLU B 204 -24.34 2.13 41.30
C GLU B 204 -24.69 3.06 40.15
N ALA B 205 -25.65 2.68 39.29
CA ALA B 205 -25.90 3.38 38.02
C ALA B 205 -26.73 4.64 38.25
N PRO B 206 -26.26 5.82 37.83
CA PRO B 206 -27.05 7.04 38.00
C PRO B 206 -28.16 7.24 36.97
N SER B 207 -28.28 6.36 35.97
CA SER B 207 -29.34 6.44 34.97
C SER B 207 -29.30 5.14 34.17
N ASN B 208 -30.23 5.02 33.23
CA ASN B 208 -30.14 4.02 32.17
C ASN B 208 -29.65 4.62 30.85
N LEU B 209 -28.99 5.78 30.90
CA LEU B 209 -28.53 6.51 29.71
C LEU B 209 -27.07 6.16 29.43
N ALA B 210 -26.83 5.45 28.33
CA ALA B 210 -25.49 5.01 27.97
C ALA B 210 -24.86 5.92 26.92
N VAL B 211 -23.57 6.25 27.11
CA VAL B 211 -22.83 7.09 26.18
C VAL B 211 -22.68 6.39 24.85
N VAL B 212 -23.11 7.05 23.78
CA VAL B 212 -23.22 6.42 22.47
C VAL B 212 -21.92 6.54 21.67
N GLY B 213 -21.28 7.71 21.68
CA GLY B 213 -20.15 7.96 20.82
C GLY B 213 -20.34 9.08 19.80
N ARG B 214 -21.15 10.09 20.13
CA ARG B 214 -21.24 11.32 19.34
C ARG B 214 -21.08 12.49 20.29
N TYR B 215 -20.24 13.46 19.93
CA TYR B 215 -19.94 14.57 20.81
C TYR B 215 -19.86 15.85 20.00
N VAL B 216 -20.43 16.92 20.53
CA VAL B 216 -20.18 18.27 20.06
C VAL B 216 -19.55 18.99 21.25
N LEU B 217 -18.30 19.40 21.09
CA LEU B 217 -17.47 19.77 22.21
C LEU B 217 -17.07 21.24 22.09
N SER B 218 -17.34 21.99 23.15
CA SER B 218 -16.92 23.38 23.26
C SER B 218 -15.40 23.51 23.11
N LYS B 219 -14.96 24.65 22.57
CA LYS B 219 -13.54 24.95 22.41
C LYS B 219 -12.79 24.96 23.73
N ASN B 220 -13.48 25.12 24.86
CA ASN B 220 -12.80 25.13 26.15
C ASN B 220 -12.31 23.74 26.57
N ILE B 221 -12.58 22.68 25.80
CA ILE B 221 -11.99 21.38 26.14
C ILE B 221 -10.52 21.31 25.76
N TRP B 222 -10.06 22.18 24.86
CA TRP B 222 -8.70 22.08 24.34
C TRP B 222 -7.64 22.23 25.43
N PRO B 223 -7.62 23.28 26.25
CA PRO B 223 -6.60 23.35 27.29
C PRO B 223 -6.75 22.26 28.34
N LEU B 224 -7.97 21.81 28.60
CA LEU B 224 -8.15 20.70 29.52
C LEU B 224 -7.51 19.43 28.97
N LEU B 225 -7.73 19.18 27.68
CA LEU B 225 -7.18 18.00 27.02
C LEU B 225 -5.66 18.00 27.06
N GLU B 226 -5.04 19.17 26.97
CA GLU B 226 -3.59 19.25 27.01
C GLU B 226 -3.06 18.98 28.40
N LYS B 227 -3.77 19.44 29.43
CA LYS B 227 -3.39 19.19 30.82
C LYS B 227 -3.96 17.87 31.36
N THR B 228 -4.31 16.93 30.47
CA THR B 228 -4.93 15.65 30.84
C THR B 228 -3.85 14.58 31.04
N PRO B 229 -3.84 13.89 32.17
CA PRO B 229 -2.76 12.93 32.45
C PRO B 229 -2.78 11.75 31.48
N ARG B 230 -1.72 10.93 31.56
CA ARG B 230 -1.64 9.68 30.81
C ARG B 230 -2.36 8.53 31.52
N GLY B 231 -3.48 8.81 32.17
CA GLY B 231 -4.19 7.80 32.94
C GLY B 231 -5.28 7.06 32.20
N ILE B 236 -3.95 8.77 27.69
CA ILE B 236 -4.73 10.02 27.70
C ILE B 236 -6.18 9.78 27.29
N GLN B 237 -7.12 10.13 28.17
CA GLN B 237 -8.52 9.80 27.99
C GLN B 237 -9.34 11.05 27.72
N LEU B 238 -10.11 11.02 26.63
CA LEU B 238 -11.07 12.10 26.39
C LEU B 238 -12.12 12.15 27.49
N THR B 239 -12.49 11.00 28.05
CA THR B 239 -13.42 10.95 29.17
C THR B 239 -12.95 11.86 30.30
N ASP B 240 -11.64 11.88 30.58
CA ASP B 240 -11.15 12.63 31.71
C ASP B 240 -11.20 14.13 31.46
N ALA B 241 -10.82 14.56 30.24
CA ALA B 241 -10.93 15.99 29.93
C ALA B 241 -12.38 16.44 29.96
N ILE B 242 -13.30 15.56 29.56
CA ILE B 242 -14.72 15.89 29.62
C ILE B 242 -15.14 16.08 31.07
N ALA B 243 -14.68 15.19 31.94
CA ALA B 243 -14.94 15.34 33.36
C ALA B 243 -14.37 16.67 33.86
N MET B 244 -13.21 17.07 33.34
CA MET B 244 -12.64 18.36 33.73
C MET B 244 -13.47 19.51 33.20
N LEU B 245 -14.16 19.32 32.07
CA LEU B 245 -14.96 20.40 31.50
C LEU B 245 -16.23 20.65 32.31
N MET B 246 -16.81 19.58 32.86
CA MET B 246 -18.03 19.72 33.64
C MET B 246 -17.85 20.61 34.87
N GLN B 247 -16.66 20.59 35.48
CA GLN B 247 -16.41 21.34 36.70
C GLN B 247 -16.27 22.84 36.47
N GLN B 248 -16.24 23.29 35.21
CA GLN B 248 -16.14 24.70 34.90
C GLN B 248 -17.27 25.23 34.03
N GLU B 249 -17.99 24.36 33.33
CA GLU B 249 -19.11 24.80 32.52
C GLU B 249 -20.07 23.64 32.32
N PRO B 250 -21.33 23.91 32.04
CA PRO B 250 -22.31 22.82 31.90
C PRO B 250 -22.12 22.02 30.61
N VAL B 251 -22.27 20.71 30.74
CA VAL B 251 -22.30 19.73 29.67
C VAL B 251 -23.68 19.08 29.65
N GLU B 252 -24.26 18.87 28.48
CA GLU B 252 -25.57 18.24 28.40
C GLU B 252 -25.51 16.87 27.72
N ALA B 253 -26.26 15.92 28.29
CA ALA B 253 -26.57 14.67 27.61
C ALA B 253 -27.70 14.88 26.62
N PHE B 254 -27.52 14.39 25.40
CA PHE B 254 -28.52 14.48 24.35
C PHE B 254 -29.08 13.08 24.12
N HIS B 255 -30.41 12.94 24.19
CA HIS B 255 -31.09 11.65 24.08
C HIS B 255 -31.25 11.28 22.61
N MET B 256 -30.48 10.29 22.16
CA MET B 256 -30.57 9.85 20.77
C MET B 256 -32.00 9.47 20.41
N THR B 257 -32.40 9.75 19.17
CA THR B 257 -33.66 9.23 18.63
C THR B 257 -33.37 8.07 17.69
N GLY B 258 -34.36 7.21 17.52
CA GLY B 258 -34.17 6.01 16.71
C GLY B 258 -33.21 5.02 17.35
N LYS B 259 -32.50 4.28 16.52
CA LYS B 259 -31.69 3.14 16.95
C LYS B 259 -30.26 3.29 16.43
N SER B 260 -29.35 2.61 17.11
CA SER B 260 -27.94 2.59 16.78
C SER B 260 -27.44 1.15 16.76
N HIS B 261 -26.29 0.95 16.13
CA HIS B 261 -25.64 -0.35 15.98
C HIS B 261 -24.18 -0.23 16.39
N ASP B 262 -23.81 -0.92 17.46
CA ASP B 262 -22.40 -0.98 17.87
C ASP B 262 -21.72 -2.08 17.06
N CYS B 263 -21.05 -1.67 15.99
CA CYS B 263 -20.30 -2.60 15.17
C CYS B 263 -18.86 -2.76 15.62
N GLY B 264 -18.49 -2.21 16.78
CA GLY B 264 -17.19 -2.54 17.38
C GLY B 264 -17.15 -3.92 18.01
N ASP B 265 -18.28 -4.61 18.02
CA ASP B 265 -18.49 -5.87 18.70
C ASP B 265 -19.00 -6.86 17.67
N LYS B 266 -18.34 -8.03 17.56
CA LYS B 266 -18.72 -9.03 16.57
C LYS B 266 -20.23 -9.22 16.46
N LEU B 267 -20.91 -9.43 17.61
CA LEU B 267 -22.35 -9.68 17.56
C LEU B 267 -23.14 -8.44 17.10
N GLY B 268 -22.77 -7.25 17.59
CA GLY B 268 -23.43 -6.05 17.11
C GLY B 268 -23.27 -5.84 15.61
N TYR B 269 -22.08 -6.15 15.09
CA TYR B 269 -21.87 -6.03 13.66
C TYR B 269 -22.73 -7.03 12.90
N MET B 270 -22.82 -8.28 13.37
CA MET B 270 -23.65 -9.30 12.71
C MET B 270 -25.12 -8.89 12.71
N LYS B 271 -25.59 -8.31 13.82
CA LYS B 271 -26.97 -7.80 13.87
C LYS B 271 -27.17 -6.66 12.86
N ALA B 272 -26.22 -5.73 12.80
CA ALA B 272 -26.35 -4.63 11.84
C ALA B 272 -26.40 -5.16 10.42
N PHE B 273 -25.58 -6.18 10.12
CA PHE B 273 -25.56 -6.77 8.78
C PHE B 273 -26.95 -7.28 8.38
N VAL B 274 -27.60 -8.05 9.26
CA VAL B 274 -28.92 -8.61 8.96
C VAL B 274 -29.97 -7.50 8.90
N THR B 275 -29.91 -6.54 9.82
CA THR B 275 -30.88 -5.45 9.85
C THR B 275 -30.83 -4.62 8.58
N TYR B 276 -29.63 -4.22 8.16
CA TYR B 276 -29.55 -3.49 6.91
C TYR B 276 -29.86 -4.39 5.72
N GLY B 277 -29.59 -5.69 5.85
CA GLY B 277 -29.83 -6.58 4.74
C GLY B 277 -31.30 -6.75 4.41
N VAL B 278 -32.16 -6.85 5.44
CA VAL B 278 -33.58 -7.10 5.18
C VAL B 278 -34.19 -5.96 4.39
N ARG B 279 -33.66 -4.74 4.52
CA ARG B 279 -34.21 -3.58 3.83
C ARG B 279 -33.33 -3.13 2.66
N HIS B 280 -32.41 -3.96 2.21
CA HIS B 280 -31.50 -3.54 1.16
C HIS B 280 -32.27 -3.19 -0.10
N HIS B 281 -31.82 -2.12 -0.78
CA HIS B 281 -32.59 -1.57 -1.90
C HIS B 281 -32.77 -2.58 -3.04
N THR B 282 -31.83 -3.50 -3.21
CA THR B 282 -31.94 -4.46 -4.30
C THR B 282 -32.07 -5.90 -3.86
N GLU B 283 -31.53 -6.28 -2.69
CA GLU B 283 -31.60 -7.67 -2.23
C GLU B 283 -32.51 -7.87 -1.03
N GLY B 284 -33.14 -6.80 -0.53
CA GLY B 284 -33.90 -6.92 0.71
C GLY B 284 -35.05 -7.91 0.65
N GLU B 285 -35.82 -7.90 -0.44
CA GLU B 285 -37.00 -8.76 -0.51
C GLU B 285 -36.61 -10.23 -0.58
N LYS B 286 -35.67 -10.57 -1.46
CA LYS B 286 -35.20 -11.95 -1.52
C LYS B 286 -34.53 -12.36 -0.21
N PHE B 287 -33.74 -11.46 0.39
CA PHE B 287 -33.06 -11.83 1.64
C PHE B 287 -34.08 -12.07 2.75
N THR B 288 -35.05 -11.16 2.90
CA THR B 288 -36.10 -11.33 3.90
C THR B 288 -36.85 -12.64 3.72
N ALA B 289 -37.30 -12.95 2.49
CA ALA B 289 -38.05 -14.17 2.27
C ALA B 289 -37.23 -15.40 2.65
N TRP B 290 -35.99 -15.48 2.15
CA TRP B 290 -35.09 -16.57 2.51
C TRP B 290 -34.93 -16.69 4.02
N LEU B 291 -34.81 -15.55 4.72
CA LEU B 291 -34.61 -15.61 6.17
C LEU B 291 -35.80 -16.25 6.86
N LYS B 292 -37.01 -15.97 6.36
CA LYS B 292 -38.22 -16.51 6.99
C LYS B 292 -38.37 -18.00 6.75
N GLN B 293 -38.05 -18.46 5.52
CA GLN B 293 -38.12 -19.88 5.24
C GLN B 293 -37.12 -20.69 6.08
N GLN B 294 -36.11 -20.05 6.66
CA GLN B 294 -35.15 -20.77 7.51
C GLN B 294 -35.79 -21.10 8.87
N CYS C 3 -0.51 32.57 11.67
CA CYS C 3 0.57 31.62 11.39
C CYS C 3 0.30 30.83 10.08
N LEU C 4 1.16 31.03 9.08
CA LEU C 4 0.92 30.49 7.74
C LEU C 4 1.18 28.99 7.68
N LYS C 5 0.36 28.31 6.89
CA LYS C 5 0.55 26.89 6.60
C LYS C 5 1.17 26.74 5.22
N ALA C 6 1.89 25.64 5.03
CA ALA C 6 2.53 25.36 3.74
C ALA C 6 1.72 24.30 2.98
N VAL C 7 1.21 24.68 1.82
CA VAL C 7 0.57 23.74 0.92
C VAL C 7 1.62 23.21 -0.06
N ILE C 8 1.74 21.90 -0.14
CA ILE C 8 2.75 21.24 -0.97
C ILE C 8 2.03 20.29 -1.93
N PRO C 9 1.98 20.57 -3.23
CA PRO C 9 1.34 19.63 -4.17
C PRO C 9 2.23 18.43 -4.44
N VAL C 10 1.75 17.23 -4.10
CA VAL C 10 2.54 16.02 -4.28
C VAL C 10 1.75 14.92 -4.98
N ALA C 11 0.85 15.29 -5.87
CA ALA C 11 0.00 14.31 -6.55
C ALA C 11 0.55 13.85 -7.91
N GLY C 12 1.53 14.55 -8.46
CA GLY C 12 1.97 14.28 -9.82
C GLY C 12 2.72 12.97 -9.94
N LEU C 13 2.60 12.35 -11.12
CA LEU C 13 3.25 11.05 -11.34
C LEU C 13 4.71 11.15 -11.74
N GLY C 14 5.23 12.36 -11.98
CA GLY C 14 6.66 12.52 -12.21
C GLY C 14 7.19 11.76 -13.41
N THR C 15 6.54 11.97 -14.57
CA THR C 15 6.94 11.26 -15.78
C THR C 15 8.33 11.63 -16.27
N ARG C 16 8.91 12.74 -15.81
CA ARG C 16 10.26 13.09 -16.26
C ARG C 16 11.32 12.22 -15.62
N MET C 17 11.02 11.57 -14.50
CA MET C 17 12.00 10.73 -13.82
C MET C 17 11.72 9.24 -14.00
N LEU C 18 10.94 8.88 -14.99
CA LEU C 18 10.71 7.48 -15.26
C LEU C 18 12.01 6.84 -15.73
N PRO C 19 12.20 5.52 -15.47
CA PRO C 19 11.33 4.60 -14.73
C PRO C 19 11.46 4.60 -13.20
N ALA C 20 12.39 5.40 -12.64
CA ALA C 20 12.58 5.43 -11.20
C ALA C 20 11.26 5.67 -10.45
N THR C 21 10.39 6.51 -11.00
CA THR C 21 9.14 6.91 -10.36
C THR C 21 7.93 6.09 -10.81
N LYS C 22 8.15 4.93 -11.43
CA LYS C 22 7.02 4.09 -11.81
C LYS C 22 6.22 3.64 -10.58
N ALA C 23 6.91 3.27 -9.51
CA ALA C 23 6.26 2.69 -8.35
C ALA C 23 6.71 3.35 -7.04
N ILE C 24 7.48 4.43 -7.11
CA ILE C 24 7.73 5.23 -5.91
C ILE C 24 7.48 6.70 -6.29
N PRO C 25 7.07 7.52 -5.33
CA PRO C 25 6.84 8.94 -5.64
C PRO C 25 8.12 9.66 -6.01
N LYS C 26 8.00 10.61 -6.93
CA LYS C 26 9.11 11.50 -7.25
C LYS C 26 9.57 12.28 -6.02
N GLU C 27 8.66 12.53 -5.07
CA GLU C 27 9.00 13.21 -3.82
C GLU C 27 9.92 12.37 -2.94
N MET C 28 10.01 11.06 -3.19
CA MET C 28 10.82 10.16 -2.40
C MET C 28 12.15 9.81 -3.07
N LEU C 29 12.45 10.39 -4.24
CA LEU C 29 13.76 10.19 -4.85
C LEU C 29 14.84 10.73 -3.91
N PRO C 30 15.87 9.96 -3.58
CA PRO C 30 16.83 10.40 -2.56
C PRO C 30 17.93 11.27 -3.19
N VAL C 31 18.18 12.41 -2.57
CA VAL C 31 19.37 13.20 -2.87
C VAL C 31 20.42 12.74 -1.86
N VAL C 32 21.26 11.83 -2.31
CA VAL C 32 22.18 11.02 -1.52
C VAL C 32 21.40 10.01 -0.69
N ASP C 33 20.93 10.42 0.48
CA ASP C 33 20.34 9.49 1.44
C ASP C 33 19.05 10.02 2.05
N LYS C 34 18.46 11.08 1.46
CA LYS C 34 17.31 11.79 2.00
C LYS C 34 16.35 12.04 0.84
N PRO C 35 15.08 11.74 1.01
CA PRO C 35 14.11 12.03 -0.07
C PRO C 35 13.92 13.52 -0.24
N LEU C 36 13.65 13.94 -1.48
CA LEU C 36 13.35 15.34 -1.78
C LEU C 36 12.44 15.97 -0.74
N ILE C 37 11.34 15.27 -0.38
CA ILE C 37 10.32 15.87 0.48
C ILE C 37 10.88 16.19 1.85
N GLN C 38 11.84 15.39 2.34
CA GLN C 38 12.41 15.71 3.65
C GLN C 38 13.17 17.05 3.63
N TYR C 39 13.91 17.33 2.53
CA TYR C 39 14.53 18.65 2.36
C TYR C 39 13.48 19.75 2.37
N ILE C 40 12.33 19.50 1.72
CA ILE C 40 11.27 20.49 1.62
C ILE C 40 10.71 20.82 3.01
N VAL C 41 10.39 19.78 3.79
CA VAL C 41 9.86 20.00 5.14
C VAL C 41 10.89 20.71 6.02
N ASP C 42 12.17 20.37 5.90
CA ASP C 42 13.18 21.06 6.70
C ASP C 42 13.25 22.55 6.34
N GLU C 43 13.11 22.89 5.05
CA GLU C 43 12.98 24.28 4.65
C GLU C 43 11.78 24.94 5.35
N CYS C 44 10.63 24.26 5.35
CA CYS C 44 9.46 24.72 6.12
C CYS C 44 9.82 25.00 7.56
N VAL C 45 10.41 24.02 8.22
CA VAL C 45 10.75 24.15 9.63
C VAL C 45 11.66 25.34 9.85
N ALA C 46 12.67 25.50 8.99
CA ALA C 46 13.60 26.64 9.09
C ALA C 46 12.86 27.97 9.08
N ALA C 47 11.80 28.08 8.27
CA ALA C 47 11.06 29.33 8.17
C ALA C 47 9.98 29.46 9.24
N GLY C 48 9.96 28.55 10.21
CA GLY C 48 9.01 28.60 11.29
C GLY C 48 7.62 28.06 10.99
N VAL C 49 7.40 27.47 9.80
CA VAL C 49 6.11 26.83 9.53
C VAL C 49 5.94 25.61 10.43
N LYS C 50 4.73 25.44 10.98
CA LYS C 50 4.45 24.32 11.86
C LYS C 50 3.41 23.37 11.31
N GLU C 51 2.67 23.78 10.29
CA GLU C 51 1.56 23.01 9.77
C GLU C 51 1.73 22.91 8.28
N ILE C 52 1.81 21.68 7.78
CA ILE C 52 2.15 21.38 6.39
C ILE C 52 1.01 20.56 5.81
N VAL C 53 0.50 20.98 4.66
CA VAL C 53 -0.64 20.36 4.02
C VAL C 53 -0.18 19.71 2.72
N LEU C 54 -0.26 18.38 2.66
CA LEU C 54 0.09 17.62 1.47
C LEU C 54 -1.16 17.37 0.62
N VAL C 55 -1.11 17.79 -0.63
CA VAL C 55 -2.19 17.55 -1.58
C VAL C 55 -1.74 16.41 -2.47
N SER C 56 -2.34 15.23 -2.30
CA SER C 56 -1.68 13.97 -2.66
C SER C 56 -2.54 13.04 -3.51
N HIS C 57 -2.10 11.78 -3.58
CA HIS C 57 -2.60 10.79 -4.53
C HIS C 57 -2.48 9.41 -3.89
N SER C 58 -3.39 8.50 -4.27
CA SER C 58 -3.45 7.14 -3.72
C SER C 58 -2.10 6.44 -3.73
N SER C 59 -1.22 6.77 -4.67
CA SER C 59 0.02 6.04 -4.80
C SER C 59 1.14 6.58 -3.91
N LYS C 60 0.86 7.60 -3.09
CA LYS C 60 1.93 8.35 -2.43
C LYS C 60 1.95 8.12 -0.93
N ASN C 61 1.47 6.97 -0.47
CA ASN C 61 1.49 6.68 0.96
C ASN C 61 2.90 6.78 1.57
N ALA C 62 3.94 6.47 0.78
CA ALA C 62 5.31 6.48 1.31
C ALA C 62 5.69 7.86 1.84
N ILE C 63 5.20 8.92 1.20
CA ILE C 63 5.49 10.27 1.69
C ILE C 63 5.04 10.41 3.15
N GLU C 64 3.80 10.02 3.44
CA GLU C 64 3.30 10.13 4.80
C GLU C 64 3.99 9.13 5.73
N ASN C 65 4.23 7.91 5.25
CA ASN C 65 4.96 6.93 6.04
C ASN C 65 6.33 7.47 6.45
N HIS C 66 6.96 8.27 5.57
CA HIS C 66 8.30 8.74 5.89
C HIS C 66 8.31 9.63 7.14
N PHE C 67 7.28 10.45 7.34
CA PHE C 67 7.28 11.38 8.46
C PHE C 67 6.54 10.85 9.69
N ASP C 68 5.88 9.72 9.56
CA ASP C 68 5.12 9.05 10.60
C ASP C 68 6.01 8.03 11.32
N THR C 69 5.49 7.45 12.39
CA THR C 69 6.17 6.34 13.03
C THR C 69 6.24 5.13 12.08
N SER C 70 7.45 4.63 11.85
CA SER C 70 7.68 3.37 11.14
C SER C 70 7.96 2.32 12.18
N PHE C 71 6.87 1.63 12.58
CA PHE C 71 6.86 0.80 13.77
C PHE C 71 7.84 -0.36 13.68
N GLU C 72 7.75 -1.15 12.61
CA GLU C 72 8.60 -2.34 12.53
C GLU C 72 10.06 -1.95 12.38
N LEU C 73 10.34 -0.81 11.75
CA LEU C 73 11.73 -0.37 11.56
C LEU C 73 12.33 0.12 12.87
N GLU C 74 11.55 0.84 13.69
CA GLU C 74 12.05 1.20 15.02
C GLU C 74 12.32 -0.03 15.88
N ALA C 75 11.45 -1.04 15.82
CA ALA C 75 11.66 -2.26 16.59
C ALA C 75 12.90 -3.00 16.11
N ALA C 76 13.15 -2.99 14.80
CA ALA C 76 14.34 -3.62 14.27
C ALA C 76 15.60 -2.85 14.61
N LEU C 77 15.55 -1.52 14.65
CA LEU C 77 16.74 -0.78 15.06
C LEU C 77 17.05 -1.02 16.53
N GLU C 78 16.01 -1.15 17.38
CA GLU C 78 16.26 -1.50 18.77
C GLU C 78 16.89 -2.88 18.89
N SER C 79 16.28 -3.86 18.25
CA SER C 79 16.73 -5.25 18.38
C SER C 79 18.16 -5.42 17.89
N ARG C 80 18.61 -4.59 16.96
CA ARG C 80 19.98 -4.66 16.46
C ARG C 80 20.86 -3.56 17.07
N VAL C 81 20.51 -3.10 18.27
CA VAL C 81 21.19 -2.03 19.03
C VAL C 81 21.78 -0.97 18.11
N LYS C 82 20.93 -0.35 17.31
CA LYS C 82 21.33 0.77 16.46
C LYS C 82 20.70 2.04 17.02
N ARG C 83 21.20 2.48 18.17
CA ARG C 83 20.47 3.47 18.93
C ARG C 83 20.60 4.85 18.32
N GLN C 84 21.74 5.18 17.71
N GLN C 84 21.75 5.17 17.73
CA GLN C 84 21.86 6.50 17.10
CA GLN C 84 21.90 6.47 17.07
C GLN C 84 21.01 6.61 15.83
C GLN C 84 20.97 6.57 15.87
N LEU C 85 20.91 5.51 15.05
CA LEU C 85 19.99 5.52 13.91
C LEU C 85 18.54 5.64 14.38
N LEU C 86 18.16 4.88 15.42
CA LEU C 86 16.80 4.97 15.95
C LEU C 86 16.46 6.40 16.32
N LYS C 87 17.36 7.07 17.06
CA LYS C 87 17.09 8.44 17.45
C LYS C 87 16.95 9.34 16.22
N GLU C 88 17.73 9.07 15.17
CA GLU C 88 17.74 9.92 13.99
C GLU C 88 16.40 9.84 13.23
N ILE C 89 15.88 8.62 12.99
CA ILE C 89 14.63 8.51 12.22
C ILE C 89 13.42 8.95 13.05
N LYS C 90 13.52 8.90 14.39
CA LYS C 90 12.47 9.44 15.24
C LYS C 90 12.42 10.97 15.19
N ASN C 91 13.48 11.63 14.72
CA ASN C 91 13.51 13.09 14.68
C ASN C 91 13.38 13.64 13.28
N ILE C 92 12.83 12.86 12.35
CA ILE C 92 12.69 13.36 11.00
C ILE C 92 11.66 14.47 10.95
N CYS C 93 10.59 14.33 11.72
CA CYS C 93 9.58 15.36 11.77
C CYS C 93 9.58 15.93 13.18
N PRO C 94 9.86 17.22 13.39
CA PRO C 94 9.87 17.75 14.76
C PRO C 94 8.51 17.60 15.42
N ALA C 95 8.54 17.36 16.74
CA ALA C 95 7.31 17.09 17.48
C ALA C 95 6.31 18.23 17.37
N ASP C 96 6.76 19.45 17.09
CA ASP C 96 5.83 20.55 16.98
C ASP C 96 5.35 20.77 15.55
N VAL C 97 5.55 19.82 14.63
CA VAL C 97 5.11 19.98 13.26
C VAL C 97 4.01 18.96 12.99
N THR C 98 2.94 19.42 12.34
CA THR C 98 1.83 18.58 11.93
C THR C 98 1.80 18.52 10.42
N ILE C 99 1.75 17.32 9.87
CA ILE C 99 1.61 17.10 8.44
C ILE C 99 0.25 16.47 8.22
N MET C 100 -0.60 17.16 7.45
CA MET C 100 -1.91 16.65 7.14
C MET C 100 -2.00 16.47 5.64
N GLN C 101 -2.90 15.61 5.20
CA GLN C 101 -2.96 15.24 3.80
C GLN C 101 -4.40 15.30 3.31
N VAL C 102 -4.59 15.79 2.08
CA VAL C 102 -5.84 15.69 1.33
C VAL C 102 -5.54 15.08 -0.03
N ARG C 103 -6.49 14.33 -0.57
CA ARG C 103 -6.37 13.77 -1.90
C ARG C 103 -6.87 14.79 -2.93
N GLN C 104 -6.13 14.91 -4.04
CA GLN C 104 -6.53 15.85 -5.09
C GLN C 104 -7.67 15.29 -5.94
N GLY C 105 -7.76 13.98 -6.07
CA GLY C 105 -8.85 13.39 -6.87
C GLY C 105 -8.66 13.32 -8.38
N HIS C 106 -8.30 14.45 -9.01
CA HIS C 106 -8.15 14.49 -10.46
C HIS C 106 -6.95 15.35 -10.81
N ALA C 107 -6.11 14.87 -11.74
CA ALA C 107 -4.92 15.61 -12.17
C ALA C 107 -5.31 16.89 -12.91
N LYS C 108 -5.76 17.90 -12.17
CA LYS C 108 -6.37 19.10 -12.74
C LYS C 108 -5.52 20.35 -12.51
N GLY C 109 -4.20 20.19 -12.39
CA GLY C 109 -3.29 21.31 -12.36
C GLY C 109 -2.97 21.83 -10.96
N LEU C 110 -2.00 22.75 -10.90
CA LEU C 110 -1.53 23.25 -9.62
C LEU C 110 -2.57 24.15 -8.95
N GLY C 111 -3.34 24.89 -9.74
CA GLY C 111 -4.38 25.71 -9.15
C GLY C 111 -5.46 24.88 -8.46
N HIS C 112 -5.80 23.74 -9.05
CA HIS C 112 -6.79 22.86 -8.43
C HIS C 112 -6.23 22.23 -7.16
N ALA C 113 -4.97 21.78 -7.21
CA ALA C 113 -4.31 21.22 -6.03
C ALA C 113 -4.40 22.19 -4.86
N VAL C 114 -4.08 23.47 -5.11
CA VAL C 114 -4.15 24.50 -4.08
C VAL C 114 -5.59 24.68 -3.60
N LEU C 115 -6.54 24.65 -4.52
CA LEU C 115 -7.94 24.68 -4.13
C LEU C 115 -8.27 23.55 -3.14
N CYS C 116 -7.80 22.33 -3.43
CA CYS C 116 -8.06 21.17 -2.57
C CYS C 116 -7.70 21.43 -1.12
N ALA C 117 -6.76 22.34 -0.86
CA ALA C 117 -6.37 22.66 0.49
C ALA C 117 -7.18 23.80 1.10
N LYS C 118 -8.14 24.35 0.37
CA LYS C 118 -8.85 25.55 0.84
C LYS C 118 -9.44 25.35 2.23
N SER C 119 -10.09 24.21 2.45
CA SER C 119 -10.79 24.01 3.72
C SER C 119 -9.83 23.96 4.90
N MET C 120 -8.58 23.57 4.67
CA MET C 120 -7.63 23.53 5.77
C MET C 120 -6.94 24.87 5.99
N VAL C 121 -6.80 25.68 4.94
CA VAL C 121 -6.19 26.99 5.12
C VAL C 121 -7.20 27.97 5.68
N GLY C 122 -8.44 27.90 5.22
CA GLY C 122 -9.41 28.90 5.59
C GLY C 122 -9.17 30.17 4.80
N ASP C 123 -9.92 31.22 5.16
CA ASP C 123 -9.79 32.51 4.48
C ASP C 123 -8.60 33.26 5.05
N ASN C 124 -7.42 32.74 4.71
CA ASN C 124 -6.16 33.20 5.28
C ASN C 124 -5.09 33.18 4.21
N PRO C 125 -4.01 33.94 4.41
CA PRO C 125 -2.82 33.75 3.57
C PRO C 125 -2.19 32.38 3.82
N PHE C 126 -1.29 31.99 2.92
CA PHE C 126 -0.71 30.65 2.98
C PHE C 126 0.50 30.56 2.07
N ILE C 127 1.22 29.45 2.19
CA ILE C 127 2.47 29.20 1.47
C ILE C 127 2.24 28.05 0.50
N VAL C 128 2.82 28.17 -0.69
CA VAL C 128 2.92 27.08 -1.65
C VAL C 128 4.39 26.79 -1.92
N MET C 129 4.73 25.52 -1.98
CA MET C 129 6.10 25.08 -2.23
C MET C 129 6.04 23.94 -3.21
N LEU C 130 6.72 24.08 -4.33
CA LEU C 130 6.78 22.98 -5.27
C LEU C 130 7.89 22.04 -4.84
N PRO C 131 7.60 20.76 -4.58
CA PRO C 131 8.57 19.90 -3.87
C PRO C 131 9.69 19.36 -4.74
N ASP C 132 9.63 19.53 -6.07
CA ASP C 132 10.72 19.09 -6.93
C ASP C 132 11.87 20.09 -6.99
N VAL C 133 11.73 21.26 -6.36
CA VAL C 133 12.77 22.28 -6.36
C VAL C 133 13.30 22.39 -4.93
N LEU C 134 14.60 22.18 -4.76
CA LEU C 134 15.25 22.32 -3.47
C LEU C 134 15.98 23.66 -3.40
N LEU C 135 15.87 24.33 -2.26
CA LEU C 135 16.72 25.48 -1.97
C LEU C 135 17.87 25.01 -1.10
N ASP C 136 19.10 25.23 -1.58
CA ASP C 136 20.32 24.61 -1.06
C ASP C 136 20.79 25.36 0.18
N ASP C 137 20.70 24.72 1.34
CA ASP C 137 20.99 25.41 2.60
C ASP C 137 22.47 25.51 2.89
N SER C 138 23.33 25.09 1.97
CA SER C 138 24.73 25.47 2.07
C SER C 138 25.03 26.77 1.34
N THR C 139 24.05 27.34 0.64
CA THR C 139 24.25 28.60 -0.07
C THR C 139 23.41 29.75 0.47
N ALA C 140 22.58 29.50 1.48
CA ALA C 140 21.77 30.53 2.11
C ALA C 140 21.23 29.97 3.41
N ASP C 141 20.95 30.88 4.35
CA ASP C 141 20.41 30.52 5.66
C ASP C 141 18.89 30.58 5.55
N LEU C 142 18.26 29.40 5.45
CA LEU C 142 16.83 29.32 5.23
C LEU C 142 16.02 29.70 6.47
N SER C 143 16.67 29.97 7.59
CA SER C 143 16.01 30.63 8.72
C SER C 143 15.77 32.12 8.44
N LYS C 144 16.65 32.77 7.68
CA LYS C 144 16.52 34.21 7.44
C LYS C 144 16.27 34.57 5.99
N GLU C 145 16.59 33.69 5.04
CA GLU C 145 16.52 34.04 3.64
C GLU C 145 15.36 33.31 2.97
N ASN C 146 15.08 33.73 1.74
CA ASN C 146 14.21 33.01 0.80
C ASN C 146 12.83 32.91 1.41
N LEU C 147 12.31 31.72 1.71
CA LEU C 147 10.93 31.65 2.20
C LEU C 147 10.77 32.49 3.47
N ALA C 148 11.74 32.42 4.38
CA ALA C 148 11.64 33.17 5.62
C ALA C 148 11.62 34.67 5.37
N SER C 149 12.39 35.13 4.39
CA SER C 149 12.35 36.55 4.05
C SER C 149 11.08 36.90 3.28
N MET C 150 10.60 36.00 2.41
CA MET C 150 9.31 36.21 1.77
C MET C 150 8.20 36.42 2.79
N ILE C 151 8.21 35.62 3.86
CA ILE C 151 7.18 35.72 4.88
C ILE C 151 7.24 37.08 5.56
N LYS C 152 8.41 37.44 6.09
CA LYS C 152 8.52 38.70 6.82
C LYS C 152 8.16 39.89 5.95
N ARG C 153 8.41 39.78 4.64
CA ARG C 153 7.98 40.82 3.71
C ARG C 153 6.46 40.85 3.61
N PHE C 154 5.84 39.71 3.29
CA PHE C 154 4.38 39.67 3.25
C PHE C 154 3.76 40.15 4.57
N GLU C 155 4.37 39.78 5.70
CA GLU C 155 3.89 40.22 7.01
C GLU C 155 3.92 41.73 7.14
N GLU C 156 4.79 42.41 6.38
CA GLU C 156 4.92 43.86 6.41
C GLU C 156 4.15 44.53 5.28
N THR C 157 4.21 43.99 4.06
CA THR C 157 3.53 44.57 2.90
C THR C 157 2.13 44.00 2.67
N GLY C 158 1.91 42.74 3.01
CA GLY C 158 0.68 42.13 2.57
C GLY C 158 0.58 41.97 1.08
N HIS C 159 1.65 42.28 0.35
CA HIS C 159 1.70 41.95 -1.06
C HIS C 159 2.21 40.52 -1.19
N SER C 160 1.56 39.76 -2.08
CA SER C 160 1.95 38.37 -2.29
C SER C 160 3.38 38.31 -2.81
N GLN C 161 4.08 37.24 -2.46
CA GLN C 161 5.49 37.08 -2.81
C GLN C 161 5.65 35.83 -3.67
N ILE C 162 6.26 36.01 -4.83
CA ILE C 162 6.55 34.94 -5.77
C ILE C 162 8.05 34.92 -5.98
N MET C 163 8.69 33.79 -5.68
CA MET C 163 10.15 33.74 -5.76
C MET C 163 10.62 33.59 -7.22
N VAL C 164 11.64 34.36 -7.58
CA VAL C 164 12.29 34.27 -8.88
C VAL C 164 13.80 34.22 -8.67
N GLU C 165 14.53 33.85 -9.72
CA GLU C 165 15.99 33.79 -9.74
C GLU C 165 16.43 34.15 -11.14
N PRO C 166 17.53 34.88 -11.30
CA PRO C 166 17.99 35.24 -12.66
C PRO C 166 18.65 34.05 -13.35
N VAL C 167 18.36 33.90 -14.63
CA VAL C 167 18.94 32.85 -15.46
C VAL C 167 19.73 33.52 -16.58
N PRO C 168 20.65 32.79 -17.22
CA PRO C 168 21.36 33.38 -18.37
C PRO C 168 20.38 33.72 -19.48
N LYS C 169 20.71 34.78 -20.24
CA LYS C 169 19.91 35.13 -21.40
C LYS C 169 19.72 33.91 -22.31
N ALA C 170 20.78 33.11 -22.45
CA ALA C 170 20.74 31.95 -23.31
C ALA C 170 19.67 30.95 -22.88
N ASP C 171 19.15 31.06 -21.66
CA ASP C 171 18.30 30.03 -21.09
C ASP C 171 16.86 30.45 -20.83
N VAL C 172 16.51 31.73 -21.01
CA VAL C 172 15.20 32.22 -20.55
C VAL C 172 14.03 31.47 -21.18
N SER C 173 14.25 30.80 -22.32
CA SER C 173 13.16 30.10 -23.01
C SER C 173 12.78 28.79 -22.34
N LYS C 174 13.50 28.35 -21.32
CA LYS C 174 13.18 27.10 -20.64
C LYS C 174 12.12 27.26 -19.55
N TYR C 175 11.91 28.49 -19.04
CA TYR C 175 11.22 28.75 -17.77
C TYR C 175 10.04 29.69 -17.97
N GLY C 176 9.32 29.94 -16.88
CA GLY C 176 8.33 31.01 -16.84
C GLY C 176 8.97 32.30 -16.36
N ILE C 177 8.90 33.37 -17.14
CA ILE C 177 9.65 34.59 -16.88
C ILE C 177 8.71 35.65 -16.34
N ALA C 178 9.16 36.34 -15.29
CA ALA C 178 8.40 37.39 -14.63
C ALA C 178 8.64 38.73 -15.30
N ASP C 179 7.59 39.55 -15.33
CA ASP C 179 7.65 40.91 -15.88
C ASP C 179 7.60 41.89 -14.71
N CYS C 180 8.75 42.43 -14.34
CA CYS C 180 8.83 43.44 -13.30
C CYS C 180 8.93 44.86 -13.85
N GLY C 181 8.66 45.03 -15.15
CA GLY C 181 8.66 46.34 -15.79
C GLY C 181 9.95 47.14 -15.66
N HIS C 182 11.00 46.72 -16.37
CA HIS C 182 12.23 47.51 -16.51
C HIS C 182 13.01 47.63 -15.20
N VAL C 183 12.31 47.63 -14.06
CA VAL C 183 13.00 47.64 -12.77
C VAL C 183 13.92 46.44 -12.67
N ALA C 184 15.18 46.69 -12.32
CA ALA C 184 16.15 45.62 -12.13
C ALA C 184 16.14 45.18 -10.67
N LEU C 185 16.07 43.89 -10.44
CA LEU C 185 15.90 43.34 -9.10
C LEU C 185 17.22 42.79 -8.56
N ALA C 186 17.55 43.17 -7.33
CA ALA C 186 18.70 42.77 -6.54
C ALA C 186 18.37 41.52 -5.72
N PRO C 187 19.38 40.71 -5.36
CA PRO C 187 19.12 39.55 -4.50
C PRO C 187 18.51 39.97 -3.16
N GLY C 188 17.60 39.13 -2.67
CA GLY C 188 16.96 39.34 -1.38
C GLY C 188 15.89 40.42 -1.37
N GLU C 189 15.62 41.05 -2.51
CA GLU C 189 14.75 42.20 -2.67
C GLU C 189 13.46 41.78 -3.38
N SER C 190 12.41 42.57 -3.15
CA SER C 190 11.13 42.39 -3.82
C SER C 190 10.74 43.66 -4.58
N THR C 191 10.16 43.47 -5.77
CA THR C 191 9.62 44.58 -6.56
C THR C 191 8.29 44.18 -7.17
N LEU C 192 7.52 45.18 -7.58
CA LEU C 192 6.21 44.93 -8.16
C LEU C 192 6.36 44.13 -9.46
N MET C 193 5.38 43.27 -9.72
CA MET C 193 5.36 42.39 -10.89
C MET C 193 3.97 42.40 -11.50
N THR C 194 3.89 42.26 -12.83
CA THR C 194 2.62 42.41 -13.54
C THR C 194 2.21 41.22 -14.41
N ALA C 195 3.10 40.26 -14.64
CA ALA C 195 2.74 39.11 -15.47
C ALA C 195 3.86 38.07 -15.40
N VAL C 196 3.54 36.86 -15.82
CA VAL C 196 4.55 35.85 -16.11
C VAL C 196 4.28 35.31 -17.50
N VAL C 197 5.35 35.15 -18.28
CA VAL C 197 5.28 34.68 -19.66
C VAL C 197 5.90 33.30 -19.72
N GLU C 198 5.12 32.31 -20.15
CA GLU C 198 5.59 30.93 -20.18
C GLU C 198 6.52 30.73 -21.37
N LYS C 199 7.79 30.41 -21.08
CA LYS C 199 8.79 30.04 -22.07
C LYS C 199 8.86 31.02 -23.25
N PRO C 200 9.19 32.29 -22.99
CA PRO C 200 9.11 33.31 -24.05
C PRO C 200 10.27 33.18 -25.03
N SER C 201 10.10 33.85 -26.16
CA SER C 201 11.23 34.13 -27.02
C SER C 201 12.18 35.11 -26.33
N ILE C 202 13.39 35.21 -26.86
CA ILE C 202 14.35 36.17 -26.30
C ILE C 202 13.83 37.59 -26.49
N ALA C 203 13.31 37.88 -27.68
CA ALA C 203 12.83 39.22 -28.01
C ALA C 203 11.54 39.60 -27.29
N GLU C 204 10.84 38.64 -26.68
CA GLU C 204 9.67 38.97 -25.89
C GLU C 204 9.87 38.71 -24.40
N ALA C 205 11.08 38.41 -23.97
CA ALA C 205 11.36 38.17 -22.56
C ALA C 205 11.33 39.47 -21.77
N PRO C 206 10.38 39.64 -20.84
CA PRO C 206 10.33 40.88 -20.04
C PRO C 206 11.36 40.95 -18.92
N SER C 207 12.19 39.92 -18.75
CA SER C 207 13.33 39.93 -17.84
C SER C 207 14.08 38.61 -18.01
N ASN C 208 15.05 38.36 -17.13
CA ASN C 208 15.72 37.07 -16.99
C ASN C 208 15.33 36.37 -15.69
N LEU C 209 14.16 36.69 -15.15
CA LEU C 209 13.76 36.27 -13.81
C LEU C 209 12.77 35.11 -13.93
N ALA C 210 13.27 33.89 -13.69
CA ALA C 210 12.46 32.68 -13.80
C ALA C 210 11.77 32.37 -12.47
N VAL C 211 10.48 32.05 -12.55
CA VAL C 211 9.72 31.65 -11.35
C VAL C 211 10.32 30.37 -10.77
N VAL C 212 10.61 30.39 -9.46
CA VAL C 212 11.31 29.28 -8.81
C VAL C 212 10.36 28.18 -8.37
N GLY C 213 9.28 28.55 -7.67
CA GLY C 213 8.34 27.60 -7.11
C GLY C 213 8.14 27.78 -5.62
N ARG C 214 8.26 29.01 -5.14
CA ARG C 214 7.90 29.35 -3.78
C ARG C 214 6.96 30.54 -3.83
N TYR C 215 5.89 30.48 -3.04
CA TYR C 215 4.88 31.51 -3.00
C TYR C 215 4.44 31.76 -1.56
N VAL C 216 4.32 33.03 -1.19
CA VAL C 216 3.51 33.47 -0.06
C VAL C 216 2.32 34.22 -0.65
N LEU C 217 1.12 33.70 -0.43
CA LEU C 217 -0.05 34.17 -1.16
C LEU C 217 -1.08 34.79 -0.23
N SER C 218 -1.63 35.92 -0.64
CA SER C 218 -2.65 36.60 0.12
C SER C 218 -3.98 35.84 0.01
N LYS C 219 -4.82 35.99 1.05
CA LYS C 219 -6.11 35.31 1.08
C LYS C 219 -7.00 35.71 -0.09
N ASN C 220 -6.80 36.92 -0.63
CA ASN C 220 -7.62 37.39 -1.74
C ASN C 220 -7.38 36.61 -3.01
N ILE C 221 -6.46 35.64 -3.03
CA ILE C 221 -6.37 34.77 -4.20
C ILE C 221 -7.44 33.70 -4.20
N TRP C 222 -8.12 33.49 -3.05
CA TRP C 222 -9.02 32.35 -2.93
C TRP C 222 -10.24 32.49 -3.86
N PRO C 223 -11.03 33.56 -3.80
CA PRO C 223 -12.13 33.67 -4.78
C PRO C 223 -11.65 33.68 -6.22
N LEU C 224 -10.48 34.26 -6.48
CA LEU C 224 -9.94 34.23 -7.84
C LEU C 224 -9.60 32.81 -8.27
N LEU C 225 -8.96 32.05 -7.37
CA LEU C 225 -8.70 30.65 -7.65
C LEU C 225 -9.99 29.91 -7.96
N GLU C 226 -11.03 30.13 -7.14
CA GLU C 226 -12.30 29.46 -7.36
C GLU C 226 -12.93 29.80 -8.71
N LYS C 227 -12.52 30.92 -9.34
CA LYS C 227 -13.10 31.34 -10.61
C LYS C 227 -12.13 31.23 -11.79
N THR C 228 -11.01 30.53 -11.61
CA THR C 228 -10.04 30.41 -12.70
C THR C 228 -10.51 29.36 -13.72
N PRO C 229 -10.36 29.62 -15.01
CA PRO C 229 -10.81 28.66 -16.02
C PRO C 229 -9.72 27.69 -16.45
N ARG C 230 -10.14 26.67 -17.22
CA ARG C 230 -9.32 25.53 -17.58
C ARG C 230 -8.57 25.71 -18.91
N GLY C 231 -8.29 24.61 -19.60
CA GLY C 231 -7.59 24.67 -20.87
C GLY C 231 -7.35 23.30 -21.49
N ASP C 234 -7.40 20.38 -19.72
CA ASP C 234 -8.45 20.73 -18.77
C ASP C 234 -7.86 20.94 -17.38
N GLU C 235 -6.91 21.86 -17.27
CA GLU C 235 -6.20 22.10 -16.02
C GLU C 235 -6.40 23.53 -15.56
N ILE C 236 -6.59 23.69 -14.26
CA ILE C 236 -6.71 25.00 -13.64
C ILE C 236 -5.31 25.40 -13.19
N GLN C 237 -4.75 26.44 -13.82
CA GLN C 237 -3.38 26.85 -13.54
C GLN C 237 -3.36 27.91 -12.45
N LEU C 238 -2.43 27.77 -11.52
CA LEU C 238 -2.29 28.76 -10.46
C LEU C 238 -1.84 30.09 -11.02
N THR C 239 -1.06 30.07 -12.10
CA THR C 239 -0.59 31.31 -12.71
C THR C 239 -1.76 32.19 -13.15
N ASP C 240 -2.70 31.63 -13.91
CA ASP C 240 -3.87 32.40 -14.35
C ASP C 240 -4.57 33.08 -13.18
N ALA C 241 -4.58 32.42 -12.01
CA ALA C 241 -5.22 33.02 -10.83
C ALA C 241 -4.36 34.10 -10.19
N ILE C 242 -3.04 33.96 -10.23
CA ILE C 242 -2.20 35.05 -9.74
C ILE C 242 -2.31 36.26 -10.66
N ALA C 243 -2.49 36.02 -11.96
CA ALA C 243 -2.80 37.10 -12.89
C ALA C 243 -3.96 37.94 -12.40
N MET C 244 -5.12 37.31 -12.19
CA MET C 244 -6.27 38.03 -11.64
C MET C 244 -5.93 38.72 -10.32
N LEU C 245 -5.03 38.14 -9.52
CA LEU C 245 -4.65 38.78 -8.26
C LEU C 245 -3.94 40.09 -8.49
N MET C 246 -3.07 40.14 -9.50
CA MET C 246 -2.32 41.34 -9.85
C MET C 246 -3.23 42.39 -10.47
N GLN C 247 -4.37 42.66 -9.85
CA GLN C 247 -5.23 43.75 -10.27
C GLN C 247 -5.95 44.33 -9.06
N GLN C 248 -6.35 43.48 -8.12
CA GLN C 248 -6.98 43.98 -6.90
C GLN C 248 -5.95 44.58 -5.96
N GLU C 249 -4.73 44.05 -5.97
CA GLU C 249 -3.69 44.48 -5.05
C GLU C 249 -2.34 44.18 -5.70
N PRO C 250 -1.24 44.71 -5.15
CA PRO C 250 0.06 44.45 -5.78
C PRO C 250 0.61 43.07 -5.45
N VAL C 251 1.25 42.45 -6.43
CA VAL C 251 1.96 41.18 -6.29
C VAL C 251 3.45 41.41 -6.58
N GLU C 252 4.31 40.90 -5.69
CA GLU C 252 5.73 41.18 -5.75
C GLU C 252 6.56 39.93 -6.06
N ALA C 253 7.56 40.11 -6.92
CA ALA C 253 8.57 39.08 -7.19
C ALA C 253 9.69 39.17 -6.16
N PHE C 254 10.07 38.04 -5.56
CA PHE C 254 11.15 37.96 -4.60
C PHE C 254 12.37 37.31 -5.23
N HIS C 255 13.52 37.99 -5.16
CA HIS C 255 14.78 37.51 -5.74
C HIS C 255 15.41 36.51 -4.78
N MET C 256 15.37 35.23 -5.17
CA MET C 256 16.00 34.17 -4.38
C MET C 256 17.48 34.46 -4.16
N THR C 257 17.98 34.12 -2.98
CA THR C 257 19.41 34.14 -2.70
C THR C 257 19.97 32.72 -2.67
N GLY C 258 21.27 32.62 -2.92
CA GLY C 258 21.91 31.32 -2.95
C GLY C 258 21.55 30.58 -4.21
N LYS C 259 21.41 29.26 -4.11
CA LYS C 259 21.21 28.42 -5.28
C LYS C 259 20.08 27.43 -5.06
N SER C 260 19.38 27.10 -6.15
CA SER C 260 18.31 26.12 -6.16
C SER C 260 18.68 24.95 -7.06
N HIS C 261 17.98 23.83 -6.87
CA HIS C 261 18.16 22.63 -7.66
C HIS C 261 16.80 22.20 -8.19
N ASP C 262 16.63 22.19 -9.51
CA ASP C 262 15.37 21.68 -10.08
C ASP C 262 15.50 20.17 -10.25
N CYS C 263 14.98 19.44 -9.28
CA CYS C 263 15.06 17.98 -9.28
C CYS C 263 13.89 17.34 -10.02
N GLY C 264 13.02 18.14 -10.63
CA GLY C 264 12.00 17.55 -11.50
C GLY C 264 12.56 17.16 -12.83
N ASP C 265 13.77 17.61 -13.08
CA ASP C 265 14.50 17.38 -14.31
C ASP C 265 15.61 16.40 -13.99
N LYS C 266 15.69 15.32 -14.77
CA LYS C 266 16.64 14.24 -14.54
C LYS C 266 18.07 14.77 -14.31
N LEU C 267 18.57 15.60 -15.23
CA LEU C 267 19.93 16.12 -15.09
C LEU C 267 20.05 16.98 -13.85
N GLY C 268 19.07 17.84 -13.60
CA GLY C 268 19.07 18.61 -12.37
C GLY C 268 19.13 17.75 -11.13
N TYR C 269 18.33 16.67 -11.10
CA TYR C 269 18.42 15.69 -10.01
C TYR C 269 19.83 15.11 -9.90
N MET C 270 20.39 14.64 -11.01
CA MET C 270 21.74 14.07 -10.97
C MET C 270 22.75 15.07 -10.42
N LYS C 271 22.67 16.34 -10.84
CA LYS C 271 23.59 17.34 -10.33
C LYS C 271 23.40 17.57 -8.84
N ALA C 272 22.15 17.62 -8.37
CA ALA C 272 21.93 17.77 -6.93
C ALA C 272 22.55 16.62 -6.15
N PHE C 273 22.42 15.39 -6.67
CA PHE C 273 22.99 14.23 -5.98
C PHE C 273 24.48 14.46 -5.71
N VAL C 274 25.21 14.83 -6.76
CA VAL C 274 26.65 15.06 -6.62
C VAL C 274 26.93 16.24 -5.70
N THR C 275 26.20 17.35 -5.88
CA THR C 275 26.50 18.54 -5.09
C THR C 275 26.28 18.30 -3.60
N TYR C 276 25.15 17.71 -3.22
CA TYR C 276 24.97 17.35 -1.82
C TYR C 276 25.95 16.27 -1.40
N GLY C 277 26.33 15.38 -2.33
CA GLY C 277 27.21 14.27 -2.00
C GLY C 277 28.61 14.72 -1.60
N VAL C 278 29.15 15.73 -2.29
CA VAL C 278 30.53 16.08 -1.96
C VAL C 278 30.62 16.65 -0.55
N ARG C 279 29.55 17.25 -0.03
CA ARG C 279 29.56 17.77 1.32
C ARG C 279 28.75 16.92 2.29
N HIS C 280 28.45 15.67 1.92
CA HIS C 280 27.65 14.85 2.83
C HIS C 280 28.38 14.68 4.16
N HIS C 281 27.63 14.77 5.26
CA HIS C 281 28.22 14.86 6.59
C HIS C 281 29.05 13.64 6.97
N THR C 282 28.86 12.49 6.33
CA THR C 282 29.71 11.34 6.65
C THR C 282 30.44 10.74 5.45
N GLU C 283 29.87 10.85 4.25
CA GLU C 283 30.50 10.27 3.06
C GLU C 283 31.22 11.30 2.19
N GLY C 284 31.08 12.59 2.47
CA GLY C 284 31.57 13.60 1.54
C GLY C 284 33.07 13.58 1.35
N GLU C 285 33.82 13.28 2.40
CA GLU C 285 35.27 13.25 2.29
C GLU C 285 35.72 12.16 1.31
N LYS C 286 35.27 10.92 1.56
CA LYS C 286 35.65 9.81 0.68
C LYS C 286 35.03 9.95 -0.70
N PHE C 287 33.80 10.44 -0.77
CA PHE C 287 33.18 10.66 -2.07
C PHE C 287 33.95 11.71 -2.87
N THR C 288 34.37 12.79 -2.21
CA THR C 288 35.17 13.83 -2.88
C THR C 288 36.49 13.26 -3.37
N ALA C 289 37.19 12.51 -2.51
CA ALA C 289 38.49 11.96 -2.88
C ALA C 289 38.34 10.95 -4.02
N TRP C 290 37.27 10.15 -4.00
CA TRP C 290 37.01 9.23 -5.10
C TRP C 290 36.74 9.98 -6.38
N LEU C 291 35.98 11.08 -6.30
CA LEU C 291 35.71 11.88 -7.50
C LEU C 291 36.98 12.47 -8.08
N LYS C 292 37.90 12.94 -7.23
CA LYS C 292 39.08 13.56 -7.80
C LYS C 292 40.14 12.54 -8.22
N GLN C 293 40.07 11.30 -7.71
CA GLN C 293 40.93 10.24 -8.24
C GLN C 293 40.56 9.91 -9.67
N GLN C 294 39.26 9.75 -9.96
CA GLN C 294 38.78 9.89 -11.33
C GLN C 294 39.07 11.32 -11.78
N LEU C 295 38.65 11.70 -12.98
CA LEU C 295 38.92 13.07 -13.42
C LEU C 295 40.41 13.31 -13.62
N ASP C 296 41.16 13.45 -12.53
CA ASP C 296 42.61 13.63 -12.59
C ASP C 296 43.32 12.37 -13.09
N CYS D 3 15.38 -25.69 -16.11
CA CYS D 3 15.79 -24.29 -16.12
C CYS D 3 16.01 -23.73 -14.71
N LEU D 4 17.09 -22.96 -14.55
CA LEU D 4 17.42 -22.41 -13.24
C LEU D 4 16.53 -21.22 -12.94
N LYS D 5 15.93 -21.20 -11.75
CA LYS D 5 15.28 -20.01 -11.23
C LYS D 5 16.27 -19.19 -10.41
N ALA D 6 16.06 -17.87 -10.36
CA ALA D 6 16.89 -16.98 -9.57
C ALA D 6 16.14 -16.60 -8.30
N VAL D 7 16.73 -16.87 -7.16
CA VAL D 7 16.16 -16.53 -5.88
C VAL D 7 16.79 -15.21 -5.45
N ILE D 8 15.95 -14.18 -5.28
CA ILE D 8 16.46 -12.86 -4.89
C ILE D 8 15.89 -12.49 -3.52
N PRO D 9 16.69 -12.42 -2.47
CA PRO D 9 16.17 -12.03 -1.15
C PRO D 9 16.04 -10.52 -1.07
N VAL D 10 14.81 -10.04 -0.88
CA VAL D 10 14.51 -8.61 -0.94
C VAL D 10 13.69 -8.24 0.27
N ALA D 11 13.90 -8.94 1.40
CA ALA D 11 13.09 -8.71 2.59
C ALA D 11 13.73 -7.76 3.59
N GLY D 12 15.00 -7.41 3.43
CA GLY D 12 15.68 -6.60 4.45
C GLY D 12 15.21 -5.16 4.43
N LEU D 13 15.30 -4.52 5.60
CA LEU D 13 14.75 -3.18 5.80
C LEU D 13 15.76 -2.06 5.51
N GLY D 14 16.95 -2.42 5.05
CA GLY D 14 17.93 -1.45 4.57
C GLY D 14 18.37 -0.36 5.54
N THR D 15 18.71 -0.76 6.77
CA THR D 15 19.12 0.19 7.82
C THR D 15 20.34 1.02 7.42
N ARG D 16 21.20 0.51 6.53
CA ARG D 16 22.40 1.26 6.18
C ARG D 16 22.15 2.40 5.21
N MET D 17 20.98 2.44 4.57
CA MET D 17 20.64 3.53 3.65
C MET D 17 19.60 4.47 4.23
N LEU D 18 19.41 4.47 5.55
CA LEU D 18 18.49 5.39 6.18
C LEU D 18 19.03 6.81 6.08
N PRO D 19 18.13 7.82 6.03
CA PRO D 19 16.68 7.64 6.07
C PRO D 19 15.99 7.47 4.70
N ALA D 20 16.75 7.38 3.61
CA ALA D 20 16.16 7.17 2.28
C ALA D 20 15.21 5.96 2.26
N THR D 21 15.59 4.86 2.90
CA THR D 21 14.84 3.62 2.88
C THR D 21 13.80 3.51 3.99
N LYS D 22 13.53 4.61 4.71
CA LYS D 22 12.57 4.52 5.80
C LYS D 22 11.21 4.01 5.31
N ALA D 23 10.78 4.48 4.14
CA ALA D 23 9.43 4.20 3.65
C ALA D 23 9.45 3.73 2.21
N ILE D 24 10.63 3.44 1.67
CA ILE D 24 10.74 2.82 0.36
C ILE D 24 11.80 1.74 0.42
N PRO D 25 11.65 0.70 -0.41
CA PRO D 25 12.60 -0.43 -0.38
C PRO D 25 14.00 0.01 -0.83
N LYS D 26 15.02 -0.54 -0.15
CA LYS D 26 16.38 -0.33 -0.65
C LYS D 26 16.53 -0.83 -2.09
N GLU D 27 15.73 -1.82 -2.45
CA GLU D 27 15.79 -2.37 -3.80
C GLU D 27 15.32 -1.38 -4.84
N MET D 28 14.55 -0.38 -4.42
CA MET D 28 14.01 0.66 -5.28
C MET D 28 14.86 1.92 -5.30
N LEU D 29 16.00 1.94 -4.63
CA LEU D 29 16.87 3.11 -4.69
C LEU D 29 17.32 3.31 -6.14
N PRO D 30 17.18 4.53 -6.68
CA PRO D 30 17.50 4.73 -8.11
C PRO D 30 18.98 4.93 -8.32
N VAL D 31 19.56 4.15 -9.24
CA VAL D 31 20.90 4.42 -9.76
C VAL D 31 20.67 5.22 -11.03
N VAL D 32 20.78 6.55 -10.90
CA VAL D 32 20.33 7.55 -11.87
C VAL D 32 18.82 7.53 -11.99
N ASP D 33 18.29 6.68 -12.86
CA ASP D 33 16.87 6.69 -13.14
C ASP D 33 16.25 5.30 -13.11
N LYS D 34 16.97 4.29 -12.62
CA LYS D 34 16.41 2.96 -12.55
C LYS D 34 16.63 2.39 -11.16
N PRO D 35 15.66 1.70 -10.59
CA PRO D 35 15.87 1.07 -9.29
C PRO D 35 16.91 -0.03 -9.37
N LEU D 36 17.61 -0.24 -8.24
CA LEU D 36 18.58 -1.32 -8.16
C LEU D 36 18.01 -2.61 -8.74
N ILE D 37 16.78 -2.95 -8.34
CA ILE D 37 16.23 -4.25 -8.67
C ILE D 37 16.08 -4.40 -10.18
N GLN D 38 15.89 -3.29 -10.90
CA GLN D 38 15.74 -3.42 -12.34
C GLN D 38 17.04 -3.85 -13.00
N TYR D 39 18.18 -3.40 -12.48
CA TYR D 39 19.46 -3.90 -12.99
C TYR D 39 19.60 -5.39 -12.70
N ILE D 40 19.15 -5.82 -11.53
CA ILE D 40 19.25 -7.23 -11.18
C ILE D 40 18.42 -8.08 -12.12
N VAL D 41 17.20 -7.64 -12.42
CA VAL D 41 16.35 -8.41 -13.31
C VAL D 41 16.94 -8.42 -14.72
N ASP D 42 17.47 -7.28 -15.16
CA ASP D 42 18.16 -7.22 -16.45
C ASP D 42 19.33 -8.20 -16.48
N GLU D 43 20.03 -8.34 -15.34
CA GLU D 43 21.16 -9.26 -15.30
C GLU D 43 20.69 -10.71 -15.39
N CYS D 44 19.59 -11.04 -14.72
CA CYS D 44 18.97 -12.36 -14.88
C CYS D 44 18.63 -12.65 -16.34
N VAL D 45 17.86 -11.77 -16.97
CA VAL D 45 17.38 -12.05 -18.31
C VAL D 45 18.55 -12.21 -19.26
N ALA D 46 19.62 -11.45 -19.04
CA ALA D 46 20.79 -11.56 -19.92
C ALA D 46 21.44 -12.93 -19.78
N ALA D 47 21.52 -13.45 -18.57
CA ALA D 47 22.05 -14.79 -18.34
C ALA D 47 21.07 -15.88 -18.71
N GLY D 48 19.90 -15.54 -19.26
CA GLY D 48 18.93 -16.51 -19.72
C GLY D 48 17.97 -17.03 -18.68
N VAL D 49 18.02 -16.50 -17.46
CA VAL D 49 17.06 -16.85 -16.42
C VAL D 49 15.76 -16.10 -16.69
N LYS D 50 14.65 -16.81 -16.72
CA LYS D 50 13.35 -16.23 -17.04
C LYS D 50 12.32 -16.35 -15.92
N GLU D 51 12.67 -17.00 -14.81
CA GLU D 51 11.78 -17.16 -13.68
C GLU D 51 12.50 -16.65 -12.43
N ILE D 52 11.96 -15.63 -11.80
CA ILE D 52 12.61 -14.96 -10.69
C ILE D 52 11.73 -15.08 -9.46
N VAL D 53 12.34 -15.45 -8.33
CA VAL D 53 11.65 -15.64 -7.07
C VAL D 53 12.10 -14.53 -6.11
N LEU D 54 11.20 -13.60 -5.80
CA LEU D 54 11.43 -12.60 -4.76
C LEU D 54 10.99 -13.13 -3.40
N VAL D 55 11.89 -13.09 -2.43
CA VAL D 55 11.57 -13.47 -1.05
C VAL D 55 11.42 -12.17 -0.28
N SER D 56 10.20 -11.84 0.15
CA SER D 56 9.95 -10.43 0.36
C SER D 56 9.30 -10.12 1.70
N HIS D 57 8.76 -8.91 1.79
CA HIS D 57 8.30 -8.31 3.03
C HIS D 57 7.05 -7.50 2.70
N SER D 58 6.17 -7.38 3.70
CA SER D 58 4.91 -6.65 3.56
C SER D 58 5.12 -5.21 3.11
N SER D 59 6.27 -4.61 3.42
CA SER D 59 6.50 -3.23 3.06
C SER D 59 7.03 -3.05 1.65
N LYS D 60 7.19 -4.12 0.86
CA LYS D 60 7.96 -4.06 -0.38
C LYS D 60 7.09 -4.18 -1.63
N ASN D 61 5.83 -3.75 -1.55
CA ASN D 61 4.93 -3.81 -2.70
C ASN D 61 5.49 -3.08 -3.92
N ALA D 62 6.21 -1.99 -3.69
CA ALA D 62 6.70 -1.19 -4.80
C ALA D 62 7.57 -2.01 -5.75
N ILE D 63 8.28 -3.02 -5.23
CA ILE D 63 9.11 -3.85 -6.09
C ILE D 63 8.27 -4.57 -7.13
N GLU D 64 7.16 -5.17 -6.69
CA GLU D 64 6.33 -5.91 -7.63
C GLU D 64 5.59 -4.96 -8.55
N ASN D 65 5.15 -3.82 -8.01
CA ASN D 65 4.51 -2.81 -8.84
C ASN D 65 5.44 -2.30 -9.95
N HIS D 66 6.74 -2.20 -9.68
CA HIS D 66 7.64 -1.74 -10.72
C HIS D 66 7.59 -2.63 -11.96
N PHE D 67 7.47 -3.95 -11.76
CA PHE D 67 7.48 -4.90 -12.86
C PHE D 67 6.09 -5.32 -13.34
N ASP D 68 5.04 -4.94 -12.62
CA ASP D 68 3.66 -5.17 -13.01
C ASP D 68 3.17 -4.02 -13.88
N THR D 69 1.95 -4.18 -14.45
CA THR D 69 1.27 -3.08 -15.14
C THR D 69 0.94 -1.94 -14.16
N SER D 70 1.41 -0.72 -14.46
CA SER D 70 1.01 0.47 -13.70
C SER D 70 -0.14 1.16 -14.43
N PHE D 71 -1.37 0.90 -13.99
CA PHE D 71 -2.53 1.17 -14.83
C PHE D 71 -2.73 2.66 -15.08
N GLU D 72 -2.84 3.45 -14.00
CA GLU D 72 -3.08 4.88 -14.14
C GLU D 72 -1.91 5.56 -14.86
N LEU D 73 -0.69 5.10 -14.62
CA LEU D 73 0.46 5.71 -15.27
C LEU D 73 0.44 5.48 -16.77
N GLU D 74 0.13 4.25 -17.19
CA GLU D 74 0.03 3.96 -18.63
C GLU D 74 -1.05 4.82 -19.28
N ALA D 75 -2.19 4.99 -18.60
CA ALA D 75 -3.27 5.79 -19.15
C ALA D 75 -2.87 7.24 -19.25
N ALA D 76 -2.14 7.76 -18.26
CA ALA D 76 -1.67 9.14 -18.32
C ALA D 76 -0.73 9.35 -19.50
N LEU D 77 0.14 8.38 -19.76
CA LEU D 77 1.07 8.50 -20.87
C LEU D 77 0.33 8.42 -22.21
N GLU D 78 -0.64 7.50 -22.33
CA GLU D 78 -1.47 7.41 -23.53
C GLU D 78 -2.21 8.72 -23.79
N SER D 79 -2.90 9.25 -22.78
CA SER D 79 -3.71 10.45 -22.98
C SER D 79 -2.83 11.67 -23.31
N ARG D 80 -1.58 11.66 -22.87
CA ARG D 80 -0.63 12.73 -23.19
C ARG D 80 0.22 12.39 -24.42
N VAL D 81 -0.08 11.29 -25.09
CA VAL D 81 0.56 10.77 -26.30
C VAL D 81 2.08 10.72 -26.19
N LYS D 82 2.59 10.59 -24.96
CA LYS D 82 4.01 10.26 -24.74
C LYS D 82 4.18 8.76 -24.98
N ARG D 83 4.08 8.38 -26.27
CA ARG D 83 4.00 6.96 -26.60
C ARG D 83 5.35 6.26 -26.57
N GLN D 84 6.44 6.99 -26.84
CA GLN D 84 7.76 6.41 -26.66
C GLN D 84 7.98 5.99 -25.22
N LEU D 85 7.65 6.88 -24.27
CA LEU D 85 7.72 6.56 -22.85
C LEU D 85 6.82 5.40 -22.47
N LEU D 86 5.59 5.37 -23.02
CA LEU D 86 4.68 4.27 -22.75
C LEU D 86 5.28 2.95 -23.21
N LYS D 87 5.88 2.93 -24.40
CA LYS D 87 6.52 1.71 -24.89
C LYS D 87 7.64 1.28 -23.95
N GLU D 88 8.39 2.25 -23.42
CA GLU D 88 9.53 1.91 -22.59
C GLU D 88 9.10 1.37 -21.22
N ILE D 89 8.09 1.96 -20.60
CA ILE D 89 7.66 1.39 -19.32
C ILE D 89 6.91 0.07 -19.50
N LYS D 90 6.32 -0.20 -20.68
CA LYS D 90 5.78 -1.52 -20.93
C LYS D 90 6.86 -2.59 -21.09
N ASN D 91 8.13 -2.19 -21.23
CA ASN D 91 9.21 -3.11 -21.50
C ASN D 91 10.11 -3.36 -20.30
N ILE D 92 9.72 -2.87 -19.11
CA ILE D 92 10.57 -3.03 -17.94
C ILE D 92 10.73 -4.52 -17.59
N CYS D 93 9.66 -5.27 -17.69
CA CYS D 93 9.72 -6.72 -17.49
C CYS D 93 9.60 -7.43 -18.83
N PRO D 94 10.63 -8.14 -19.30
CA PRO D 94 10.50 -8.87 -20.57
C PRO D 94 9.26 -9.75 -20.58
N ALA D 95 8.68 -9.91 -21.78
CA ALA D 95 7.37 -10.54 -21.88
C ALA D 95 7.38 -12.01 -21.47
N ASP D 96 8.54 -12.66 -21.49
CA ASP D 96 8.67 -14.06 -21.12
C ASP D 96 9.28 -14.24 -19.74
N VAL D 97 9.40 -13.17 -18.96
CA VAL D 97 9.97 -13.25 -17.63
C VAL D 97 8.84 -13.31 -16.63
N THR D 98 8.88 -14.29 -15.74
CA THR D 98 7.90 -14.42 -14.68
C THR D 98 8.55 -14.09 -13.35
N ILE D 99 8.00 -13.12 -12.63
CA ILE D 99 8.44 -12.73 -11.30
C ILE D 99 7.40 -13.25 -10.29
N MET D 100 7.85 -14.08 -9.37
CA MET D 100 7.04 -14.66 -8.31
C MET D 100 7.52 -14.11 -6.97
N GLN D 101 6.64 -14.17 -5.99
CA GLN D 101 6.96 -13.59 -4.70
C GLN D 101 6.42 -14.46 -3.58
N VAL D 102 7.20 -14.58 -2.53
CA VAL D 102 6.81 -15.25 -1.31
C VAL D 102 7.33 -14.39 -0.17
N ARG D 103 6.60 -14.36 0.93
CA ARG D 103 6.97 -13.55 2.07
C ARG D 103 7.88 -14.34 3.01
N GLN D 104 8.92 -13.66 3.52
CA GLN D 104 9.83 -14.30 4.47
C GLN D 104 9.16 -14.52 5.83
N GLY D 105 8.39 -13.56 6.29
CA GLY D 105 7.68 -13.70 7.57
C GLY D 105 8.40 -13.27 8.84
N HIS D 106 9.61 -13.78 9.07
CA HIS D 106 10.46 -13.32 10.17
C HIS D 106 11.89 -13.16 9.66
N ALA D 107 12.49 -11.99 9.94
CA ALA D 107 13.87 -11.73 9.51
C ALA D 107 14.84 -12.74 10.13
N LYS D 108 14.81 -13.97 9.63
CA LYS D 108 15.61 -15.06 10.19
C LYS D 108 16.95 -15.24 9.46
N GLY D 109 17.31 -14.33 8.56
CA GLY D 109 18.59 -14.39 7.87
C GLY D 109 18.45 -14.86 6.42
N LEU D 110 19.55 -14.70 5.68
CA LEU D 110 19.52 -14.96 4.25
C LEU D 110 19.33 -16.43 3.93
N GLY D 111 19.87 -17.33 4.74
CA GLY D 111 19.66 -18.75 4.48
C GLY D 111 18.22 -19.17 4.66
N HIS D 112 17.58 -18.65 5.71
CA HIS D 112 16.15 -18.85 5.88
C HIS D 112 15.37 -18.30 4.69
N ALA D 113 15.79 -17.14 4.18
CA ALA D 113 15.11 -16.53 3.04
C ALA D 113 15.16 -17.45 1.82
N VAL D 114 16.31 -18.10 1.58
CA VAL D 114 16.40 -19.07 0.50
C VAL D 114 15.48 -20.25 0.77
N LEU D 115 15.39 -20.68 2.03
CA LEU D 115 14.48 -21.77 2.38
C LEU D 115 13.05 -21.46 1.98
N CYS D 116 12.65 -20.19 2.08
CA CYS D 116 11.28 -19.83 1.71
C CYS D 116 10.96 -20.14 0.26
N ALA D 117 11.97 -20.20 -0.61
CA ALA D 117 11.77 -20.41 -2.04
C ALA D 117 11.79 -21.88 -2.45
N LYS D 118 11.93 -22.82 -1.51
CA LYS D 118 12.05 -24.24 -1.87
C LYS D 118 10.82 -24.73 -2.63
N SER D 119 9.62 -24.38 -2.15
CA SER D 119 8.40 -24.78 -2.85
C SER D 119 8.46 -24.42 -4.33
N MET D 120 9.03 -23.26 -4.64
CA MET D 120 9.07 -22.84 -6.04
C MET D 120 10.22 -23.51 -6.77
N VAL D 121 11.39 -23.58 -6.13
CA VAL D 121 12.55 -24.15 -6.79
C VAL D 121 12.39 -25.66 -6.97
N GLY D 122 11.95 -26.34 -5.93
CA GLY D 122 11.89 -27.78 -5.94
C GLY D 122 13.19 -28.43 -5.55
N ASP D 123 13.27 -29.73 -5.79
CA ASP D 123 14.51 -30.48 -5.56
C ASP D 123 15.41 -30.28 -6.78
N ASN D 124 15.87 -29.04 -6.92
CA ASN D 124 16.60 -28.59 -8.10
C ASN D 124 17.72 -27.65 -7.69
N PRO D 125 18.74 -27.51 -8.53
CA PRO D 125 19.71 -26.42 -8.36
C PRO D 125 19.09 -25.10 -8.79
N PHE D 126 19.73 -24.01 -8.36
CA PHE D 126 19.12 -22.69 -8.45
C PHE D 126 20.17 -21.62 -8.21
N ILE D 127 19.79 -20.38 -8.53
CA ILE D 127 20.65 -19.21 -8.46
C ILE D 127 20.23 -18.34 -7.29
N VAL D 128 21.20 -17.75 -6.60
CA VAL D 128 20.93 -16.71 -5.62
C VAL D 128 21.61 -15.44 -6.09
N MET D 129 20.90 -14.32 -5.97
CA MET D 129 21.41 -13.01 -6.35
C MET D 129 21.14 -12.02 -5.23
N LEU D 130 22.19 -11.45 -4.68
CA LEU D 130 21.99 -10.45 -3.65
C LEU D 130 21.72 -9.10 -4.31
N PRO D 131 20.57 -8.47 -4.08
CA PRO D 131 20.13 -7.39 -4.97
C PRO D 131 20.76 -6.03 -4.69
N ASP D 132 21.50 -5.87 -3.60
CA ASP D 132 22.24 -4.62 -3.38
C ASP D 132 23.54 -4.55 -4.16
N VAL D 133 23.93 -5.62 -4.87
CA VAL D 133 25.19 -5.65 -5.61
C VAL D 133 24.86 -5.71 -7.10
N LEU D 134 25.39 -4.75 -7.86
CA LEU D 134 25.21 -4.66 -9.30
C LEU D 134 26.49 -5.10 -10.00
N LEU D 135 26.35 -5.86 -11.08
CA LEU D 135 27.48 -6.13 -11.97
C LEU D 135 27.38 -5.18 -13.14
N ASP D 136 28.44 -4.42 -13.37
CA ASP D 136 28.37 -3.32 -14.32
C ASP D 136 28.41 -3.87 -15.74
N ASP D 137 27.31 -3.73 -16.49
CA ASP D 137 27.28 -4.31 -17.83
C ASP D 137 28.01 -3.46 -18.87
N SER D 138 28.65 -2.36 -18.47
CA SER D 138 29.61 -1.67 -19.35
C SER D 138 31.02 -2.24 -19.20
N THR D 139 31.23 -3.15 -18.25
CA THR D 139 32.51 -3.78 -18.04
C THR D 139 32.48 -5.27 -18.34
N ALA D 140 31.34 -5.82 -18.74
CA ALA D 140 31.25 -7.25 -19.02
C ALA D 140 29.98 -7.51 -19.81
N ASP D 141 30.05 -8.43 -20.76
CA ASP D 141 28.85 -8.85 -21.46
C ASP D 141 28.16 -9.88 -20.59
N LEU D 142 27.07 -9.47 -19.94
CA LEU D 142 26.39 -10.33 -18.98
C LEU D 142 25.55 -11.43 -19.63
N SER D 143 25.53 -11.53 -20.96
CA SER D 143 24.99 -12.72 -21.60
C SER D 143 26.03 -13.83 -21.78
N LYS D 144 27.31 -13.50 -21.66
CA LYS D 144 28.37 -14.49 -21.85
C LYS D 144 29.31 -14.60 -20.65
N GLU D 145 29.42 -13.58 -19.82
CA GLU D 145 30.32 -13.59 -18.67
C GLU D 145 29.55 -13.74 -17.35
N ASN D 146 30.30 -13.97 -16.28
CA ASN D 146 29.82 -13.84 -14.90
C ASN D 146 28.72 -14.86 -14.63
N LEU D 147 27.50 -14.46 -14.27
CA LEU D 147 26.48 -15.45 -13.94
C LEU D 147 26.24 -16.41 -15.09
N ALA D 148 26.26 -15.89 -16.33
CA ALA D 148 26.07 -16.72 -17.50
C ALA D 148 27.11 -17.83 -17.57
N SER D 149 28.39 -17.48 -17.39
CA SER D 149 29.44 -18.48 -17.46
C SER D 149 29.44 -19.35 -16.22
N MET D 150 29.12 -18.77 -15.06
CA MET D 150 28.91 -19.55 -13.85
C MET D 150 27.91 -20.68 -14.08
N ILE D 151 26.84 -20.39 -14.84
CA ILE D 151 25.83 -21.41 -15.12
C ILE D 151 26.42 -22.52 -15.99
N LYS D 152 27.06 -22.15 -17.11
CA LYS D 152 27.66 -23.13 -18.01
C LYS D 152 28.66 -24.01 -17.27
N ARG D 153 29.47 -23.42 -16.39
CA ARG D 153 30.38 -24.22 -15.59
C ARG D 153 29.64 -25.19 -14.69
N PHE D 154 28.55 -24.73 -14.03
CA PHE D 154 27.81 -25.64 -13.15
C PHE D 154 27.19 -26.78 -13.93
N GLU D 155 26.66 -26.50 -15.13
CA GLU D 155 26.06 -27.55 -15.94
C GLU D 155 27.10 -28.62 -16.29
N GLU D 156 28.31 -28.21 -16.66
CA GLU D 156 29.32 -29.16 -17.09
C GLU D 156 29.84 -30.01 -15.93
N THR D 157 29.84 -29.47 -14.71
CA THR D 157 30.55 -30.04 -13.58
C THR D 157 29.65 -30.56 -12.47
N GLY D 158 28.49 -29.93 -12.24
CA GLY D 158 27.76 -30.16 -11.02
C GLY D 158 28.38 -29.55 -9.77
N HIS D 159 29.34 -28.66 -9.91
CA HIS D 159 29.94 -27.99 -8.76
C HIS D 159 29.27 -26.63 -8.55
N SER D 160 28.89 -26.36 -7.31
CA SER D 160 28.31 -25.06 -7.00
C SER D 160 29.35 -23.98 -7.27
N GLN D 161 28.88 -22.81 -7.69
CA GLN D 161 29.76 -21.69 -8.03
C GLN D 161 29.49 -20.53 -7.10
N ILE D 162 30.52 -20.08 -6.38
CA ILE D 162 30.47 -18.86 -5.59
C ILE D 162 31.27 -17.78 -6.33
N MET D 163 30.63 -16.64 -6.62
CA MET D 163 31.33 -15.56 -7.29
C MET D 163 32.21 -14.77 -6.32
N VAL D 164 33.44 -14.47 -6.74
CA VAL D 164 34.43 -13.78 -5.91
C VAL D 164 35.10 -12.73 -6.79
N GLU D 165 35.70 -11.72 -6.15
CA GLU D 165 36.47 -10.70 -6.86
C GLU D 165 37.62 -10.22 -6.00
N PRO D 166 38.76 -9.88 -6.61
CA PRO D 166 39.92 -9.44 -5.82
C PRO D 166 39.67 -8.07 -5.22
N VAL D 167 39.88 -7.96 -3.91
CA VAL D 167 39.75 -6.71 -3.18
C VAL D 167 41.15 -6.28 -2.77
N PRO D 168 41.37 -5.01 -2.40
CA PRO D 168 42.70 -4.62 -1.89
C PRO D 168 43.03 -5.44 -0.65
N LYS D 169 44.22 -6.06 -0.65
CA LYS D 169 44.61 -6.94 0.45
C LYS D 169 44.42 -6.28 1.80
N ALA D 170 44.45 -4.95 1.86
CA ALA D 170 44.22 -4.25 3.12
C ALA D 170 42.74 -4.14 3.50
N ASP D 171 41.81 -4.47 2.60
CA ASP D 171 40.38 -4.34 2.85
C ASP D 171 39.72 -5.65 3.31
N VAL D 172 40.47 -6.74 3.40
CA VAL D 172 39.88 -8.07 3.44
C VAL D 172 38.98 -8.30 4.64
N SER D 173 39.01 -7.44 5.65
CA SER D 173 38.22 -7.64 6.85
C SER D 173 36.74 -7.28 6.67
N LYS D 174 36.39 -6.56 5.60
CA LYS D 174 35.00 -6.21 5.35
C LYS D 174 34.17 -7.35 4.77
N TYR D 175 34.80 -8.43 4.29
CA TYR D 175 34.16 -9.35 3.36
C TYR D 175 34.27 -10.80 3.83
N GLY D 176 33.42 -11.64 3.25
CA GLY D 176 33.67 -13.08 3.24
C GLY D 176 34.74 -13.39 2.20
N ILE D 177 35.78 -14.11 2.62
CA ILE D 177 36.97 -14.32 1.80
C ILE D 177 37.07 -15.79 1.44
N ALA D 178 37.25 -16.07 0.14
CA ALA D 178 37.36 -17.44 -0.35
C ALA D 178 38.78 -17.95 -0.14
N ASP D 179 38.89 -19.12 0.49
CA ASP D 179 40.15 -19.86 0.54
C ASP D 179 40.16 -20.81 -0.65
N CYS D 180 41.03 -20.54 -1.62
CA CYS D 180 41.17 -21.36 -2.82
C CYS D 180 42.43 -22.21 -2.79
N GLY D 181 42.97 -22.46 -1.60
CA GLY D 181 44.03 -23.44 -1.44
C GLY D 181 45.28 -23.13 -2.22
N HIS D 182 45.73 -21.88 -2.11
CA HIS D 182 46.98 -21.43 -2.73
C HIS D 182 46.94 -21.49 -4.26
N VAL D 183 45.76 -21.59 -4.86
CA VAL D 183 45.63 -21.51 -6.32
C VAL D 183 45.40 -20.06 -6.71
N ALA D 184 46.08 -19.63 -7.77
CA ALA D 184 46.02 -18.23 -8.21
C ALA D 184 44.96 -18.09 -9.29
N LEU D 185 43.75 -17.69 -8.88
CA LEU D 185 42.60 -17.63 -9.77
C LEU D 185 42.73 -16.46 -10.76
N ALA D 186 42.33 -16.72 -12.00
CA ALA D 186 42.30 -15.71 -13.05
C ALA D 186 40.87 -15.35 -13.40
N PRO D 187 40.61 -14.15 -13.94
CA PRO D 187 39.23 -13.73 -14.25
C PRO D 187 38.55 -14.70 -15.20
N GLY D 188 37.31 -15.05 -14.86
CA GLY D 188 36.52 -15.92 -15.69
C GLY D 188 36.69 -17.39 -15.41
N GLU D 189 37.55 -17.75 -14.47
CA GLU D 189 37.90 -19.14 -14.19
C GLU D 189 37.33 -19.58 -12.85
N SER D 190 37.17 -20.89 -12.69
CA SER D 190 36.77 -21.49 -11.43
C SER D 190 37.92 -22.23 -10.77
N THR D 191 37.77 -22.51 -9.47
CA THR D 191 38.71 -23.35 -8.76
C THR D 191 38.08 -23.77 -7.44
N LEU D 192 38.53 -24.91 -6.93
CA LEU D 192 38.04 -25.44 -5.66
C LEU D 192 38.25 -24.46 -4.50
N MET D 193 37.28 -24.42 -3.59
CA MET D 193 37.33 -23.61 -2.37
C MET D 193 37.47 -24.52 -1.15
N THR D 194 38.55 -24.30 -0.37
CA THR D 194 38.83 -25.13 0.80
C THR D 194 38.17 -24.61 2.08
N ALA D 195 37.57 -23.41 2.04
CA ALA D 195 36.91 -22.77 3.16
C ALA D 195 36.47 -21.37 2.76
N VAL D 196 35.54 -20.79 3.51
CA VAL D 196 35.13 -19.40 3.34
C VAL D 196 35.17 -18.76 4.71
N VAL D 197 36.06 -17.77 4.88
CA VAL D 197 36.26 -17.12 6.16
C VAL D 197 35.49 -15.81 6.21
N GLU D 198 34.83 -15.56 7.34
CA GLU D 198 34.00 -14.37 7.52
C GLU D 198 34.83 -13.27 8.16
N LYS D 199 35.10 -12.21 7.40
CA LYS D 199 35.80 -11.02 7.89
C LYS D 199 37.12 -11.34 8.62
N PRO D 200 38.10 -11.92 7.93
CA PRO D 200 39.38 -12.24 8.57
C PRO D 200 40.26 -11.02 8.73
N SER D 201 41.28 -11.16 9.58
CA SER D 201 42.34 -10.15 9.66
C SER D 201 43.15 -10.15 8.36
N ILE D 202 43.86 -9.02 8.14
CA ILE D 202 44.73 -8.90 6.96
C ILE D 202 45.70 -10.07 6.90
N ALA D 203 46.29 -10.43 8.04
CA ALA D 203 47.30 -11.48 8.05
C ALA D 203 46.68 -12.87 7.91
N GLU D 204 45.55 -13.10 8.58
CA GLU D 204 44.88 -14.40 8.59
C GLU D 204 44.11 -14.68 7.30
N ALA D 205 43.85 -13.65 6.49
CA ALA D 205 43.03 -13.83 5.28
C ALA D 205 43.70 -14.80 4.32
N PRO D 206 43.00 -15.84 3.84
CA PRO D 206 43.64 -16.83 2.97
C PRO D 206 43.80 -16.38 1.52
N SER D 207 43.17 -15.27 1.13
CA SER D 207 43.24 -14.74 -0.23
C SER D 207 42.74 -13.29 -0.17
N ASN D 208 42.75 -12.63 -1.33
CA ASN D 208 42.08 -11.34 -1.47
C ASN D 208 40.81 -11.45 -2.31
N LEU D 209 40.22 -12.66 -2.39
CA LEU D 209 39.03 -12.93 -3.21
C LEU D 209 37.80 -12.87 -2.32
N ALA D 210 36.98 -11.84 -2.50
CA ALA D 210 35.82 -11.62 -1.64
C ALA D 210 34.53 -12.14 -2.30
N VAL D 211 33.66 -12.72 -1.49
CA VAL D 211 32.38 -13.26 -1.96
C VAL D 211 31.50 -12.12 -2.47
N VAL D 212 31.05 -12.22 -3.71
CA VAL D 212 30.41 -11.10 -4.37
C VAL D 212 28.92 -11.01 -4.02
N GLY D 213 28.20 -12.13 -4.09
CA GLY D 213 26.76 -12.08 -3.92
C GLY D 213 26.00 -12.67 -5.11
N ARG D 214 26.68 -13.54 -5.85
CA ARG D 214 26.08 -14.35 -6.92
C ARG D 214 26.46 -15.80 -6.65
N TYR D 215 25.48 -16.70 -6.71
CA TYR D 215 25.70 -18.13 -6.44
C TYR D 215 24.92 -18.97 -7.42
N VAL D 216 25.50 -20.11 -7.82
CA VAL D 216 24.76 -21.19 -8.48
C VAL D 216 24.90 -22.41 -7.60
N LEU D 217 23.82 -22.81 -6.93
CA LEU D 217 23.89 -23.79 -5.85
C LEU D 217 23.30 -25.12 -6.29
N SER D 218 23.94 -26.22 -5.89
CA SER D 218 23.42 -27.53 -6.23
C SER D 218 22.22 -27.88 -5.36
N LYS D 219 21.33 -28.73 -5.89
CA LYS D 219 20.14 -29.13 -5.17
C LYS D 219 20.49 -29.69 -3.80
N ASN D 220 21.69 -30.23 -3.63
CA ASN D 220 22.03 -30.91 -2.38
C ASN D 220 22.17 -29.97 -1.20
N ILE D 221 22.16 -28.65 -1.42
CA ILE D 221 22.17 -27.73 -0.27
C ILE D 221 20.82 -27.71 0.42
N TRP D 222 19.75 -28.16 -0.27
CA TRP D 222 18.41 -28.07 0.31
C TRP D 222 18.28 -28.80 1.65
N PRO D 223 18.59 -30.10 1.76
CA PRO D 223 18.48 -30.73 3.08
C PRO D 223 19.44 -30.13 4.09
N LEU D 224 20.57 -29.60 3.64
CA LEU D 224 21.52 -28.95 4.51
C LEU D 224 20.99 -27.62 5.00
N LEU D 225 20.31 -26.88 4.12
CA LEU D 225 19.71 -25.63 4.52
C LEU D 225 18.65 -25.83 5.60
N GLU D 226 17.88 -26.93 5.50
CA GLU D 226 16.76 -27.14 6.42
C GLU D 226 17.24 -27.38 7.85
N LYS D 227 18.43 -27.94 8.03
CA LYS D 227 19.00 -28.23 9.34
C LYS D 227 20.27 -27.38 9.51
N THR D 228 20.09 -26.14 9.97
CA THR D 228 21.20 -25.20 10.14
C THR D 228 21.03 -24.38 11.42
N PRO D 229 22.01 -24.40 12.34
CA PRO D 229 21.96 -23.78 13.68
C PRO D 229 21.27 -22.40 13.76
N ILE D 236 19.99 -17.88 10.96
CA ILE D 236 20.09 -19.02 10.05
C ILE D 236 20.81 -18.58 8.77
N GLN D 237 22.09 -18.96 8.66
CA GLN D 237 23.02 -18.38 7.70
C GLN D 237 23.17 -19.25 6.45
N LEU D 238 23.13 -18.60 5.29
CA LEU D 238 23.37 -19.30 4.04
C LEU D 238 24.79 -19.84 3.96
N THR D 239 25.76 -19.07 4.47
CA THR D 239 27.15 -19.48 4.33
C THR D 239 27.52 -20.62 5.27
N ASP D 240 26.76 -20.80 6.35
CA ASP D 240 26.94 -22.00 7.17
C ASP D 240 26.50 -23.24 6.41
N ALA D 241 25.33 -23.19 5.76
CA ALA D 241 24.93 -24.33 4.94
C ALA D 241 25.80 -24.46 3.70
N ILE D 242 26.35 -23.35 3.21
CA ILE D 242 27.39 -23.45 2.20
C ILE D 242 28.59 -24.20 2.78
N ALA D 243 29.02 -23.80 3.99
CA ALA D 243 30.11 -24.50 4.67
C ALA D 243 29.82 -26.00 4.78
N MET D 244 28.59 -26.38 5.12
CA MET D 244 28.26 -27.79 5.23
C MET D 244 28.23 -28.48 3.86
N LEU D 245 27.83 -27.77 2.81
CA LEU D 245 27.91 -28.38 1.47
C LEU D 245 29.33 -28.80 1.16
N MET D 246 30.31 -27.94 1.51
CA MET D 246 31.70 -28.24 1.23
C MET D 246 32.22 -29.40 2.08
N GLN D 247 31.58 -29.66 3.23
CA GLN D 247 31.93 -30.81 4.06
C GLN D 247 31.56 -32.14 3.42
N GLN D 248 30.86 -32.11 2.29
CA GLN D 248 30.52 -33.34 1.58
C GLN D 248 30.64 -33.23 0.07
N GLU D 249 30.76 -32.03 -0.49
CA GLU D 249 30.73 -31.84 -1.93
C GLU D 249 31.68 -30.72 -2.30
N PRO D 250 32.32 -30.80 -3.46
CA PRO D 250 33.19 -29.71 -3.91
C PRO D 250 32.40 -28.47 -4.32
N VAL D 251 32.83 -27.32 -3.81
CA VAL D 251 32.30 -26.01 -4.19
C VAL D 251 33.44 -25.18 -4.78
N GLU D 252 33.14 -24.40 -5.82
CA GLU D 252 34.16 -23.64 -6.55
C GLU D 252 33.97 -22.13 -6.41
N ALA D 253 35.09 -21.43 -6.31
CA ALA D 253 35.09 -19.99 -6.49
C ALA D 253 35.14 -19.66 -7.97
N PHE D 254 34.38 -18.64 -8.39
CA PHE D 254 34.37 -18.15 -9.77
C PHE D 254 34.82 -16.70 -9.77
N HIS D 255 35.85 -16.40 -10.57
CA HIS D 255 36.46 -15.07 -10.62
C HIS D 255 35.63 -14.15 -11.51
N MET D 256 34.97 -13.17 -10.90
CA MET D 256 34.18 -12.20 -11.64
C MET D 256 35.04 -11.46 -12.65
N THR D 257 34.48 -11.21 -13.82
CA THR D 257 35.09 -10.29 -14.77
C THR D 257 34.33 -8.96 -14.72
N GLY D 258 35.05 -7.88 -15.07
CA GLY D 258 34.44 -6.56 -15.04
C GLY D 258 34.50 -5.95 -13.65
N LYS D 259 33.55 -5.05 -13.36
CA LYS D 259 33.47 -4.42 -12.05
C LYS D 259 32.07 -4.60 -11.47
N SER D 260 31.97 -4.51 -10.16
CA SER D 260 30.69 -4.58 -9.49
C SER D 260 30.48 -3.35 -8.63
N HIS D 261 29.23 -3.15 -8.18
CA HIS D 261 28.85 -2.01 -7.35
C HIS D 261 28.10 -2.53 -6.14
N ASP D 262 28.66 -2.34 -4.96
CA ASP D 262 27.99 -2.68 -3.70
C ASP D 262 27.16 -1.48 -3.28
N CYS D 263 25.87 -1.48 -3.63
CA CYS D 263 24.98 -0.41 -3.23
C CYS D 263 24.31 -0.65 -1.88
N GLY D 264 24.67 -1.73 -1.17
CA GLY D 264 24.21 -1.83 0.21
C GLY D 264 24.86 -0.82 1.13
N ASP D 265 25.90 -0.19 0.63
CA ASP D 265 26.71 0.79 1.35
C ASP D 265 26.36 2.18 0.79
N LYS D 266 26.26 3.17 1.67
CA LYS D 266 25.99 4.53 1.20
C LYS D 266 27.02 4.98 0.17
N LEU D 267 28.31 4.89 0.50
CA LEU D 267 29.33 5.36 -0.44
C LEU D 267 29.31 4.55 -1.74
N GLY D 268 29.14 3.22 -1.64
CA GLY D 268 28.98 2.41 -2.84
C GLY D 268 27.79 2.84 -3.69
N TYR D 269 26.68 3.21 -3.05
CA TYR D 269 25.52 3.70 -3.79
C TYR D 269 25.84 5.01 -4.51
N MET D 270 26.52 5.93 -3.83
CA MET D 270 26.88 7.20 -4.48
C MET D 270 27.83 6.99 -5.65
N LYS D 271 28.85 6.15 -5.48
CA LYS D 271 29.76 5.86 -6.58
C LYS D 271 29.04 5.25 -7.78
N ALA D 272 28.09 4.35 -7.52
CA ALA D 272 27.35 3.75 -8.64
C ALA D 272 26.54 4.81 -9.38
N PHE D 273 25.82 5.65 -8.64
CA PHE D 273 25.07 6.74 -9.23
C PHE D 273 25.93 7.53 -10.22
N VAL D 274 27.06 8.04 -9.74
CA VAL D 274 27.93 8.85 -10.60
C VAL D 274 28.42 8.05 -11.79
N THR D 275 28.90 6.83 -11.53
CA THR D 275 29.48 6.02 -12.61
C THR D 275 28.45 5.74 -13.68
N TYR D 276 27.23 5.40 -13.29
CA TYR D 276 26.19 5.21 -14.29
C TYR D 276 25.74 6.53 -14.86
N GLY D 277 25.80 7.59 -14.05
CA GLY D 277 25.47 8.91 -14.56
C GLY D 277 26.34 9.34 -15.74
N VAL D 278 27.66 9.12 -15.65
CA VAL D 278 28.51 9.67 -16.70
C VAL D 278 28.28 8.99 -18.03
N ARG D 279 27.72 7.78 -18.04
CA ARG D 279 27.47 7.07 -19.29
C ARG D 279 26.00 7.00 -19.62
N HIS D 280 25.17 7.78 -18.92
CA HIS D 280 23.75 7.78 -19.18
C HIS D 280 23.42 8.07 -20.64
N HIS D 281 22.46 7.32 -21.18
CA HIS D 281 22.19 7.34 -22.62
C HIS D 281 21.68 8.69 -23.14
N THR D 282 21.08 9.56 -22.31
CA THR D 282 20.71 10.88 -22.76
C THR D 282 21.32 12.02 -21.95
N GLU D 283 21.67 11.82 -20.68
CA GLU D 283 22.25 12.89 -19.87
C GLU D 283 23.73 12.71 -19.60
N GLY D 284 24.36 11.65 -20.13
CA GLY D 284 25.73 11.33 -19.76
C GLY D 284 26.74 12.40 -20.14
N GLU D 285 26.63 12.96 -21.33
CA GLU D 285 27.65 13.92 -21.77
C GLU D 285 27.50 15.24 -21.02
N LYS D 286 26.28 15.76 -20.92
CA LYS D 286 26.09 16.98 -20.16
C LYS D 286 26.55 16.80 -18.71
N PHE D 287 26.23 15.67 -18.10
CA PHE D 287 26.61 15.40 -16.71
C PHE D 287 28.12 15.26 -16.57
N THR D 288 28.75 14.52 -17.49
CA THR D 288 30.20 14.35 -17.47
C THR D 288 30.91 15.70 -17.58
N ALA D 289 30.52 16.50 -18.58
CA ALA D 289 31.13 17.82 -18.73
C ALA D 289 30.98 18.64 -17.45
N TRP D 290 29.78 18.63 -16.86
CA TRP D 290 29.55 19.44 -15.67
C TRP D 290 30.33 18.92 -14.48
N LEU D 291 30.39 17.59 -14.35
CA LEU D 291 31.12 16.98 -13.24
C LEU D 291 32.59 17.37 -13.25
N LYS D 292 33.20 17.44 -14.45
CA LYS D 292 34.60 17.84 -14.59
C LYS D 292 34.90 19.14 -13.87
N GLN D 293 33.95 20.06 -13.86
CA GLN D 293 34.19 21.40 -13.34
C GLN D 293 33.86 21.55 -11.87
N GLN D 294 33.34 20.50 -11.21
CA GLN D 294 32.73 20.67 -9.89
C GLN D 294 33.72 20.55 -8.75
N LEU D 295 34.96 20.18 -9.01
CA LEU D 295 35.93 20.03 -7.94
C LEU D 295 37.05 21.08 -8.03
C1 EDO E . 3.85 13.52 10.75
O1 EDO E . 2.89 12.45 10.90
C2 EDO E . 3.59 14.64 11.74
O2 EDO E . 2.22 15.08 11.65
C1 EDO F . 4.62 -3.37 -17.31
O1 EDO F . 5.22 -2.13 -16.90
C2 EDO F . 5.63 -4.52 -17.27
O2 EDO F . 6.63 -4.38 -18.30
#